data_7SER
#
_entry.id   7SER
#
_cell.length_a   103.891
_cell.length_b   138.305
_cell.length_c   179.191
_cell.angle_alpha   90.000
_cell.angle_beta   90.000
_cell.angle_gamma   90.000
#
_symmetry.space_group_name_H-M   'I 2 2 2'
#
loop_
_entity.id
_entity.type
_entity.pdbx_description
1 polymer 'Protein arginine N-methyltransferase 5'
2 polymer 'Methylosome protein 50'
3 non-polymer (2M)-2-{4-[4-(aminomethyl)-1-oxo-1,2-dihydrophthalazin-6-yl]-1-methyl-1H-pyrazol-5-yl}-1-benzothiophene-3-carbonitrile
4 non-polymer "5'-DEOXY-5'-METHYLTHIOADENOSINE"
5 water water
#
loop_
_entity_poly.entity_id
_entity_poly.type
_entity_poly.pdbx_seq_one_letter_code
_entity_poly.pdbx_strand_id
1 'polypeptide(L)'
;MDYKDDDDKAAMAVGGAGGSRVSSGRDLNCVPEIADTLGAVAKQGFDFLCMPVFHPRFKREFIQEPAKNRPGPQTRSDLL
LSGRDWNTLIVGKLSPWIRPDSKVEKIRRNSEAAMLQELNFGAYLGLPAFLLPLNQEDNTNLARVLTNHIHTGHHSSMFW
MRVPLVAPEDLRDDIIENAPTTHTEEYSGEEKTWMWWHNFRTLCDYSKRIAVALEIGADLPSNHVIDRWLGEPIKAAILP
TSIFLTNKKGFPVLSKMHQRLIFRLLKLEVQFIITGTNHHSEKEFCSYLQYLEYLSQNRPPPNAYELFAKGYEDYLQSPL
QPLMDNLESQTYEVFEKDPIKYSQYQQAIYKCLLDRVPEEEKDTNVQVLMVLGAGRGPLVNASLRAAKQADRRIKLYAVE
KNPNAVVTLENWQFEEWGSQVTVVSSDMREWVAPEKADIIVSELLGSFADNELSPECLDGAQHFLKDDGVSIPGEYTSFL
APISSSKLYNEVRACREKDRDPEAQFEMPYVVRLHNFHQLSAPQPCFTFSHPNRDPMIDNNRYCTLEFPVEVNTVLHGFA
GYFETVLYQDITLSIRPETHSPGMFSWFPILFPIKQPITVREGQTICVRFWRCSNSKKVWYEWAVTAPVCSAIHNPTGRS
YTIGL
;
A
2 'polypeptide(L)'
;MHHHHHHHHRKETPPPLVPPAAREWNLPPNAPACMERQLEAARYRSDGALLLGASSLSGRCWAGSLWLFKDPCAAPNEGF
CSAGVQTEAGVADLTWVGERGILVASDSGAVELWELDENETLIVSKFCKYEHDDIVSTVSVLSSGTQAVSGSKDICIKVW
DLAQQVVLSSYRAHAAQVTCVAASPHKDSVFLSCSEDNRILLWDTRCPKPASQIGCSAPGYLPTSLAWHPQQSEVFVFGD
ENGTVSLVDTKSTSCVLSSAVHSQCVTGLVFSPHSVPFLASLSEDCSLAVLDSSLSELFRSQAHRDFVRDATWSPLNHSL
LTTVGWDHQVVHHVVPTEPLPAPGPASVTE
;
B
#
loop_
_chem_comp.id
_chem_comp.type
_chem_comp.name
_chem_comp.formula
97L non-polymer (2M)-2-{4-[4-(aminomethyl)-1-oxo-1,2-dihydrophthalazin-6-yl]-1-methyl-1H-pyrazol-5-yl}-1-benzothiophene-3-carbonitrile 'C22 H16 N6 O S'
MTA non-polymer 5'-DEOXY-5'-METHYLTHIOADENOSINE 'C11 H15 N5 O3 S'
#
# COMPACT_ATOMS: atom_id res chain seq x y z
N ARG A 21 -3.88 -18.02 -10.27
CA ARG A 21 -4.93 -17.00 -10.26
C ARG A 21 -4.58 -15.83 -9.33
N VAL A 22 -4.29 -14.68 -9.92
CA VAL A 22 -4.00 -13.44 -9.19
C VAL A 22 -5.26 -12.58 -9.21
N SER A 23 -5.56 -11.95 -8.07
CA SER A 23 -6.63 -10.96 -7.99
C SER A 23 -6.03 -9.60 -8.35
N SER A 24 -6.50 -9.02 -9.44
CA SER A 24 -5.92 -7.81 -9.99
C SER A 24 -7.00 -6.82 -10.37
N GLY A 25 -6.67 -5.54 -10.23
CA GLY A 25 -7.58 -4.48 -10.61
C GLY A 25 -6.92 -3.49 -11.54
N ARG A 26 -7.77 -2.72 -12.22
CA ARG A 26 -7.35 -1.67 -13.12
C ARG A 26 -7.57 -0.30 -12.48
N ASP A 27 -6.58 0.58 -12.60
CA ASP A 27 -6.63 1.95 -12.09
C ASP A 27 -6.86 2.91 -13.26
N LEU A 28 -7.95 3.66 -13.20
CA LEU A 28 -8.23 4.68 -14.20
C LEU A 28 -8.48 6.01 -13.51
N ASN A 29 -8.11 7.10 -14.19
CA ASN A 29 -8.47 8.45 -13.76
C ASN A 29 -9.39 9.13 -14.78
N CYS A 30 -10.03 8.36 -15.66
CA CYS A 30 -10.89 8.89 -16.71
C CYS A 30 -11.91 7.82 -17.07
N VAL A 31 -13.17 8.11 -16.80
CA VAL A 31 -14.26 7.14 -17.01
C VAL A 31 -15.40 7.89 -17.69
N PRO A 32 -15.42 7.94 -19.02
CA PRO A 32 -16.50 8.66 -19.71
C PRO A 32 -17.86 8.05 -19.43
N GLU A 33 -17.95 6.73 -19.45
CA GLU A 33 -19.17 6.01 -19.15
C GLU A 33 -18.85 4.83 -18.26
N ILE A 34 -19.58 4.69 -17.14
CA ILE A 34 -19.24 3.66 -16.16
C ILE A 34 -19.50 2.26 -16.73
N ALA A 35 -20.71 2.04 -17.27
CA ALA A 35 -21.04 0.72 -17.78
C ALA A 35 -20.11 0.30 -18.90
N ASP A 36 -19.84 1.20 -19.84
CA ASP A 36 -18.87 0.90 -20.90
C ASP A 36 -17.49 0.60 -20.33
N THR A 37 -17.00 1.46 -19.44
CA THR A 37 -15.67 1.25 -18.86
C THR A 37 -15.61 -0.06 -18.09
N LEU A 38 -16.57 -0.29 -17.21
CA LEU A 38 -16.55 -1.51 -16.40
C LEU A 38 -16.55 -2.75 -17.29
N GLY A 39 -17.41 -2.78 -18.30
CA GLY A 39 -17.42 -3.91 -19.21
C GLY A 39 -16.08 -4.16 -19.87
N ALA A 40 -15.43 -3.10 -20.36
CA ALA A 40 -14.15 -3.27 -21.02
C ALA A 40 -13.08 -3.74 -20.04
N VAL A 41 -13.12 -3.24 -18.80
CA VAL A 41 -12.14 -3.62 -17.80
C VAL A 41 -12.28 -5.09 -17.44
N ALA A 42 -13.51 -5.60 -17.43
CA ALA A 42 -13.72 -7.00 -17.09
C ALA A 42 -13.32 -7.90 -18.24
N LYS A 43 -13.66 -7.51 -19.47
CA LYS A 43 -13.31 -8.34 -20.62
C LYS A 43 -11.80 -8.57 -20.69
N GLN A 44 -11.01 -7.60 -20.23
CA GLN A 44 -9.55 -7.73 -20.20
C GLN A 44 -9.07 -8.66 -19.11
N GLY A 45 -9.94 -9.09 -18.20
CA GLY A 45 -9.59 -10.00 -17.15
C GLY A 45 -9.42 -9.42 -15.76
N PHE A 46 -9.70 -8.13 -15.56
CA PHE A 46 -9.56 -7.55 -14.24
C PHE A 46 -10.72 -7.97 -13.34
N ASP A 47 -10.46 -7.93 -12.03
CA ASP A 47 -11.48 -8.23 -11.04
C ASP A 47 -12.14 -6.99 -10.48
N PHE A 48 -11.48 -5.83 -10.51
CA PHE A 48 -12.11 -4.62 -10.00
C PHE A 48 -11.50 -3.41 -10.69
N LEU A 49 -12.05 -2.24 -10.33
CA LEU A 49 -11.81 -0.98 -11.01
C LEU A 49 -11.63 0.09 -9.96
N CYS A 50 -10.46 0.70 -9.91
CA CYS A 50 -10.26 1.92 -9.12
C CYS A 50 -10.60 3.10 -10.02
N MET A 51 -11.50 3.96 -9.58
CA MET A 51 -11.97 5.07 -10.41
C MET A 51 -12.47 6.18 -9.50
N PRO A 52 -12.56 7.41 -10.00
CA PRO A 52 -13.09 8.51 -9.19
C PRO A 52 -14.61 8.50 -9.13
N VAL A 53 -15.14 8.88 -7.95
CA VAL A 53 -16.59 8.94 -7.75
C VAL A 53 -17.13 10.35 -8.02
N PHE A 54 -16.25 11.37 -8.08
CA PHE A 54 -16.52 12.66 -8.68
C PHE A 54 -15.43 12.94 -9.71
N HIS A 55 -15.79 13.72 -10.75
CA HIS A 55 -14.81 14.00 -11.81
C HIS A 55 -13.57 14.64 -11.21
N PRO A 56 -12.38 14.10 -11.50
CA PRO A 56 -11.19 14.54 -10.76
C PRO A 56 -10.82 15.99 -10.99
N ARG A 57 -11.30 16.60 -12.08
CA ARG A 57 -11.11 18.02 -12.37
C ARG A 57 -12.25 18.90 -11.86
N PHE A 58 -13.32 18.33 -11.32
CA PHE A 58 -14.53 19.07 -10.90
C PHE A 58 -14.34 19.66 -9.50
N LYS A 59 -13.50 20.69 -9.44
CA LYS A 59 -13.26 21.40 -8.20
C LYS A 59 -14.55 22.03 -7.69
N ARG A 60 -14.79 21.93 -6.38
CA ARG A 60 -16.02 22.40 -5.77
C ARG A 60 -15.72 23.36 -4.63
N GLU A 61 -16.57 24.39 -4.51
CA GLU A 61 -16.48 25.44 -3.51
C GLU A 61 -17.59 25.29 -2.48
N PHE A 62 -17.24 25.38 -1.20
CA PHE A 62 -18.18 25.15 -0.12
C PHE A 62 -18.45 26.37 0.76
N ILE A 63 -17.77 27.50 0.54
CA ILE A 63 -17.90 28.64 1.45
C ILE A 63 -18.30 29.90 0.71
N GLN A 64 -17.52 30.33 -0.27
CA GLN A 64 -17.67 31.66 -0.86
C GLN A 64 -18.64 31.61 -2.04
N GLU A 65 -19.54 32.59 -2.11
CA GLU A 65 -20.38 32.73 -3.28
C GLU A 65 -19.63 33.47 -4.37
N PRO A 66 -20.06 33.35 -5.64
CA PRO A 66 -21.25 32.59 -6.05
C PRO A 66 -21.01 31.11 -6.35
N ALA A 67 -19.76 30.64 -6.29
CA ALA A 67 -19.48 29.30 -6.79
C ALA A 67 -20.07 28.21 -5.88
N LYS A 68 -20.19 28.46 -4.58
CA LYS A 68 -20.78 27.44 -3.72
C LYS A 68 -22.18 27.04 -4.17
N ASN A 69 -22.90 27.92 -4.88
CA ASN A 69 -24.26 27.65 -5.32
C ASN A 69 -24.34 27.05 -6.73
N ARG A 70 -23.23 26.51 -7.23
CA ARG A 70 -23.23 25.79 -8.50
C ARG A 70 -24.34 24.75 -8.54
N PRO A 71 -25.29 24.85 -9.47
CA PRO A 71 -26.36 23.85 -9.52
C PRO A 71 -25.79 22.46 -9.79
N GLY A 72 -26.55 21.45 -9.36
CA GLY A 72 -26.14 20.07 -9.49
C GLY A 72 -26.59 19.53 -10.83
N PRO A 73 -26.45 18.20 -11.01
CA PRO A 73 -25.96 17.23 -10.02
C PRO A 73 -24.45 17.29 -9.75
N GLN A 74 -24.04 17.00 -8.52
CA GLN A 74 -22.62 17.11 -8.17
C GLN A 74 -21.79 15.93 -8.67
N THR A 75 -22.41 14.82 -9.06
CA THR A 75 -21.69 13.73 -9.72
C THR A 75 -22.71 12.76 -10.33
N ARG A 76 -22.19 11.64 -10.82
CA ARG A 76 -22.94 10.55 -11.42
C ARG A 76 -23.91 9.92 -10.42
N SER A 77 -24.88 9.19 -10.95
CA SER A 77 -25.92 8.59 -10.12
C SER A 77 -25.54 7.19 -9.64
N ASP A 78 -25.98 6.86 -8.42
CA ASP A 78 -25.82 5.51 -7.88
C ASP A 78 -26.63 4.47 -8.65
N LEU A 79 -27.57 4.89 -9.47
CA LEU A 79 -28.42 3.90 -10.14
C LEU A 79 -27.77 3.31 -11.38
N LEU A 80 -26.57 3.76 -11.72
CA LEU A 80 -25.82 3.33 -12.89
C LEU A 80 -25.14 1.98 -12.71
N LEU A 81 -24.99 1.51 -11.47
CA LEU A 81 -24.61 0.14 -11.16
C LEU A 81 -25.56 -0.42 -10.11
N SER A 82 -25.71 -1.75 -10.14
CA SER A 82 -26.42 -2.45 -9.09
C SER A 82 -25.65 -2.36 -7.77
N GLY A 83 -26.36 -2.63 -6.67
CA GLY A 83 -25.71 -2.59 -5.37
C GLY A 83 -24.56 -3.57 -5.24
N ARG A 84 -24.70 -4.75 -5.86
CA ARG A 84 -23.65 -5.75 -5.80
C ARG A 84 -22.38 -5.25 -6.48
N ASP A 85 -22.55 -4.54 -7.60
CA ASP A 85 -21.39 -4.04 -8.34
C ASP A 85 -20.67 -2.95 -7.57
N TRP A 86 -21.42 -2.03 -6.96
CA TRP A 86 -20.76 -1.07 -6.07
C TRP A 86 -20.02 -1.80 -4.96
N ASN A 87 -20.68 -2.77 -4.32
CA ASN A 87 -20.08 -3.43 -3.16
C ASN A 87 -18.80 -4.18 -3.49
N THR A 88 -18.66 -4.71 -4.71
CA THR A 88 -17.63 -5.69 -5.02
C THR A 88 -16.63 -5.27 -6.09
N LEU A 89 -17.04 -4.46 -7.08
CA LEU A 89 -16.20 -4.13 -8.22
C LEU A 89 -15.55 -2.75 -8.16
N ILE A 90 -16.01 -1.86 -7.31
CA ILE A 90 -15.58 -0.46 -7.38
C ILE A 90 -14.77 -0.10 -6.15
N VAL A 91 -13.56 0.41 -6.38
CA VAL A 91 -12.74 1.09 -5.39
C VAL A 91 -12.72 2.57 -5.75
N GLY A 92 -13.09 3.44 -4.81
CA GLY A 92 -13.16 4.85 -5.08
C GLY A 92 -11.82 5.55 -4.88
N LYS A 93 -11.74 6.77 -5.43
CA LYS A 93 -10.49 7.54 -5.41
C LYS A 93 -10.74 8.97 -4.96
N LEU A 94 -9.95 9.44 -4.01
CA LEU A 94 -10.03 10.83 -3.61
C LEU A 94 -9.59 11.76 -4.76
N SER A 95 -10.38 12.80 -5.00
CA SER A 95 -10.04 13.73 -6.05
C SER A 95 -8.66 14.35 -5.75
N PRO A 96 -7.83 14.56 -6.78
CA PRO A 96 -6.46 15.02 -6.53
C PRO A 96 -6.33 16.48 -6.15
N TRP A 97 -7.34 17.32 -6.42
CA TRP A 97 -7.31 18.71 -5.96
C TRP A 97 -7.54 18.84 -4.46
N ILE A 98 -7.91 17.76 -3.78
CA ILE A 98 -8.23 17.80 -2.37
C ILE A 98 -6.94 17.76 -1.55
N ARG A 99 -6.63 18.89 -0.90
CA ARG A 99 -5.35 19.08 -0.21
C ARG A 99 -5.64 19.61 1.19
N PRO A 100 -5.93 18.73 2.15
CA PRO A 100 -6.29 19.20 3.49
C PRO A 100 -5.10 19.76 4.26
N ASP A 101 -3.88 19.53 3.79
CA ASP A 101 -2.70 20.08 4.45
C ASP A 101 -2.05 21.19 3.62
N SER A 102 -2.81 21.79 2.71
CA SER A 102 -2.35 22.99 2.04
C SER A 102 -1.99 24.06 3.06
N LYS A 103 -1.05 24.91 2.66
CA LYS A 103 -0.65 26.08 3.42
C LYS A 103 -1.63 27.25 3.26
N VAL A 104 -2.57 27.14 2.32
CA VAL A 104 -3.60 28.15 2.10
C VAL A 104 -4.85 27.75 2.88
N GLU A 105 -5.28 28.61 3.80
CA GLU A 105 -6.39 28.26 4.68
C GLU A 105 -7.65 27.93 3.89
N LYS A 106 -8.01 28.81 2.94
CA LYS A 106 -9.21 28.60 2.14
C LYS A 106 -9.18 27.22 1.49
N ILE A 107 -7.99 26.79 1.06
CA ILE A 107 -7.87 25.49 0.40
C ILE A 107 -7.99 24.36 1.40
N ARG A 108 -7.46 24.56 2.61
CA ARG A 108 -7.62 23.54 3.65
C ARG A 108 -9.09 23.34 4.00
N ARG A 109 -9.86 24.43 4.04
CA ARG A 109 -11.27 24.37 4.39
C ARG A 109 -12.08 23.64 3.31
N ASN A 110 -11.93 24.07 2.05
CA ASN A 110 -12.70 23.43 1.00
C ASN A 110 -12.28 21.98 0.85
N SER A 111 -11.01 21.68 1.08
CA SER A 111 -10.56 20.31 0.95
C SER A 111 -11.14 19.44 2.07
N GLU A 112 -11.22 19.98 3.30
CA GLU A 112 -11.85 19.25 4.39
C GLU A 112 -13.31 18.92 4.05
N ALA A 113 -14.09 19.93 3.63
CA ALA A 113 -15.47 19.68 3.28
C ALA A 113 -15.56 18.67 2.13
N ALA A 114 -14.74 18.86 1.09
CA ALA A 114 -14.78 17.96 -0.07
C ALA A 114 -14.40 16.54 0.31
N MET A 115 -13.46 16.40 1.24
CA MET A 115 -12.99 15.07 1.57
C MET A 115 -14.05 14.32 2.36
N LEU A 116 -14.71 14.98 3.30
CA LEU A 116 -15.88 14.37 3.94
C LEU A 116 -16.95 14.02 2.91
N GLN A 117 -17.14 14.88 1.91
CA GLN A 117 -18.19 14.67 0.93
C GLN A 117 -17.93 13.41 0.11
N GLU A 118 -16.72 13.28 -0.42
CA GLU A 118 -16.39 12.13 -1.25
C GLU A 118 -16.38 10.84 -0.41
N LEU A 119 -15.84 10.91 0.80
CA LEU A 119 -15.83 9.74 1.65
C LEU A 119 -17.26 9.30 2.01
N ASN A 120 -18.13 10.26 2.31
CA ASN A 120 -19.49 9.90 2.68
C ASN A 120 -20.26 9.36 1.46
N PHE A 121 -19.93 9.85 0.26
CA PHE A 121 -20.49 9.24 -0.94
C PHE A 121 -20.04 7.78 -1.10
N GLY A 122 -18.74 7.52 -0.91
CA GLY A 122 -18.26 6.15 -0.95
C GLY A 122 -18.97 5.24 0.03
N ALA A 123 -19.12 5.71 1.26
CA ALA A 123 -19.92 4.97 2.23
C ALA A 123 -21.37 4.82 1.78
N TYR A 124 -21.96 5.89 1.25
CA TYR A 124 -23.32 5.83 0.73
C TYR A 124 -23.48 4.66 -0.25
N LEU A 125 -22.46 4.46 -1.10
CA LEU A 125 -22.47 3.47 -2.18
C LEU A 125 -22.05 2.07 -1.71
N GLY A 126 -21.54 1.93 -0.50
CA GLY A 126 -21.07 0.64 -0.03
C GLY A 126 -19.77 0.16 -0.64
N LEU A 127 -18.93 1.07 -1.12
CA LEU A 127 -17.70 0.66 -1.77
C LEU A 127 -16.83 -0.15 -0.80
N PRO A 128 -16.18 -1.21 -1.27
CA PRO A 128 -15.36 -2.04 -0.38
C PRO A 128 -14.03 -1.41 -0.02
N ALA A 129 -13.59 -0.40 -0.75
CA ALA A 129 -12.41 0.35 -0.33
C ALA A 129 -12.37 1.69 -1.03
N PHE A 130 -11.49 2.54 -0.51
CA PHE A 130 -11.34 3.91 -0.93
C PHE A 130 -9.85 4.28 -0.85
N LEU A 131 -9.34 4.91 -1.91
CA LEU A 131 -7.91 5.19 -2.08
C LEU A 131 -7.60 6.65 -1.78
N LEU A 132 -6.70 6.88 -0.82
CA LEU A 132 -6.21 8.23 -0.58
C LEU A 132 -4.69 8.26 -0.67
N PRO A 133 -4.11 9.36 -1.13
CA PRO A 133 -2.66 9.41 -1.32
C PRO A 133 -1.89 9.96 -0.13
N LEU A 134 -0.68 9.41 0.04
CA LEU A 134 0.35 10.02 0.86
C LEU A 134 1.48 10.41 -0.12
N ASN A 135 1.50 11.69 -0.51
CA ASN A 135 2.47 12.22 -1.47
C ASN A 135 3.31 13.35 -0.89
N GLN A 136 3.27 13.57 0.42
CA GLN A 136 4.16 14.54 1.05
C GLN A 136 4.31 14.14 2.53
N GLU A 137 5.16 14.91 3.24
CA GLU A 137 5.51 14.55 4.61
C GLU A 137 4.36 14.82 5.59
N ASP A 138 3.71 15.98 5.49
CA ASP A 138 2.72 16.42 6.47
C ASP A 138 1.31 16.11 5.98
N ASN A 139 0.71 15.08 6.57
CA ASN A 139 -0.66 14.70 6.30
C ASN A 139 -1.47 14.70 7.58
N THR A 140 -1.14 15.64 8.48
CA THR A 140 -1.78 15.66 9.78
C THR A 140 -3.29 15.92 9.64
N ASN A 141 -3.65 16.93 8.87
CA ASN A 141 -5.06 17.26 8.76
C ASN A 141 -5.81 16.26 7.89
N LEU A 142 -5.14 15.66 6.90
CA LEU A 142 -5.77 14.54 6.20
C LEU A 142 -6.10 13.41 7.17
N ALA A 143 -5.14 13.07 8.05
CA ALA A 143 -5.39 12.03 9.03
C ALA A 143 -6.54 12.40 9.96
N ARG A 144 -6.61 13.67 10.37
CA ARG A 144 -7.66 14.08 11.28
C ARG A 144 -9.03 13.92 10.64
N VAL A 145 -9.16 14.30 9.37
CA VAL A 145 -10.44 14.17 8.70
C VAL A 145 -10.80 12.70 8.51
N LEU A 146 -9.84 11.88 8.04
CA LEU A 146 -10.12 10.46 7.87
C LEU A 146 -10.56 9.83 9.19
N THR A 147 -9.85 10.15 10.27
CA THR A 147 -10.17 9.58 11.57
C THR A 147 -11.55 10.01 12.03
N ASN A 148 -11.96 11.21 11.67
CA ASN A 148 -13.29 11.68 12.01
C ASN A 148 -14.35 10.89 11.26
N HIS A 149 -14.17 10.74 9.94
CA HIS A 149 -15.06 9.89 9.16
C HIS A 149 -15.14 8.48 9.74
N ILE A 150 -14.02 7.93 10.20
CA ILE A 150 -13.98 6.56 10.68
C ILE A 150 -14.79 6.40 11.96
N HIS A 151 -14.89 7.47 12.74
CA HIS A 151 -15.61 7.48 13.99
C HIS A 151 -17.01 8.04 13.83
N THR A 152 -17.57 7.96 12.62
CA THR A 152 -18.90 8.44 12.26
C THR A 152 -19.66 7.24 11.69
N GLY A 153 -20.12 6.36 12.57
CA GLY A 153 -20.72 5.10 12.19
C GLY A 153 -19.75 3.95 12.36
N HIS A 154 -20.30 2.74 12.24
CA HIS A 154 -19.53 1.50 12.38
C HIS A 154 -19.60 0.78 11.05
N HIS A 155 -18.61 0.98 10.20
CA HIS A 155 -18.61 0.38 8.88
C HIS A 155 -17.34 -0.42 8.67
N SER A 156 -17.39 -1.28 7.65
CA SER A 156 -16.34 -2.25 7.38
C SER A 156 -15.43 -1.83 6.23
N SER A 157 -15.70 -0.68 5.63
CA SER A 157 -14.94 -0.19 4.49
C SER A 157 -13.44 -0.09 4.81
N MET A 158 -12.60 -0.24 3.78
CA MET A 158 -11.16 -0.09 3.93
C MET A 158 -10.66 1.16 3.21
N PHE A 159 -9.63 1.75 3.81
CA PHE A 159 -8.93 2.89 3.22
C PHE A 159 -7.52 2.45 2.82
N TRP A 160 -7.25 2.53 1.52
CA TRP A 160 -5.95 2.19 0.96
C TRP A 160 -5.15 3.48 0.77
N MET A 161 -4.09 3.65 1.56
CA MET A 161 -3.21 4.81 1.46
C MET A 161 -2.15 4.56 0.39
N ARG A 162 -2.24 5.29 -0.72
CA ARG A 162 -1.36 5.13 -1.88
C ARG A 162 -0.03 5.82 -1.57
N VAL A 163 0.99 5.01 -1.29
CA VAL A 163 2.28 5.53 -0.87
C VAL A 163 3.35 4.82 -1.68
N PRO A 164 4.32 5.55 -2.23
CA PRO A 164 5.37 4.94 -3.04
C PRO A 164 6.59 4.49 -2.25
N LEU A 165 7.21 3.43 -2.77
CA LEU A 165 8.52 3.02 -2.31
C LEU A 165 9.50 4.19 -2.34
N VAL A 166 9.43 5.00 -3.39
CA VAL A 166 10.40 6.07 -3.62
C VAL A 166 9.61 7.34 -3.94
N ALA A 167 9.87 8.38 -3.16
CA ALA A 167 9.14 9.62 -3.33
C ALA A 167 9.46 10.21 -4.72
N PRO A 168 8.52 10.91 -5.34
CA PRO A 168 8.81 11.45 -6.67
C PRO A 168 10.00 12.40 -6.69
N GLU A 169 10.21 13.14 -5.60
CA GLU A 169 11.36 14.03 -5.52
C GLU A 169 12.68 13.24 -5.54
N ASP A 170 12.66 11.99 -5.08
CA ASP A 170 13.89 11.20 -4.99
C ASP A 170 14.14 10.39 -6.26
N LEU A 171 13.24 10.46 -7.24
CA LEU A 171 13.42 9.75 -8.51
C LEU A 171 13.29 10.66 -9.74
N ARG A 172 13.22 11.98 -9.56
CA ARG A 172 13.13 12.88 -10.69
C ARG A 172 14.40 12.81 -11.54
N ASP A 173 14.22 13.06 -12.84
CA ASP A 173 15.35 13.14 -13.74
C ASP A 173 16.31 14.23 -13.27
N ASP A 174 17.61 13.98 -13.43
CA ASP A 174 18.65 14.93 -13.03
C ASP A 174 18.87 15.91 -14.19
N ILE A 175 17.84 16.71 -14.45
CA ILE A 175 17.88 17.58 -15.61
C ILE A 175 17.71 19.05 -15.22
N ILE A 176 17.74 19.37 -13.94
CA ILE A 176 17.73 20.76 -13.48
C ILE A 176 19.17 21.20 -13.25
N GLU A 177 19.64 22.12 -14.09
CA GLU A 177 21.06 22.47 -14.09
C GLU A 177 21.48 23.09 -12.77
N ASN A 178 20.56 23.76 -12.08
CA ASN A 178 20.89 24.48 -10.85
C ASN A 178 20.26 23.84 -9.63
N ALA A 179 19.75 22.61 -9.76
CA ALA A 179 19.29 21.81 -8.62
C ALA A 179 19.58 20.35 -8.91
N PRO A 180 20.84 19.92 -8.78
CA PRO A 180 21.19 18.54 -9.11
C PRO A 180 20.65 17.56 -8.08
N THR A 181 20.58 16.30 -8.50
CA THR A 181 20.09 15.24 -7.65
C THR A 181 21.19 14.76 -6.71
N THR A 182 20.82 14.47 -5.47
CA THR A 182 21.79 13.98 -4.50
C THR A 182 22.28 12.60 -4.90
N HIS A 183 23.58 12.47 -5.13
CA HIS A 183 24.20 11.20 -5.48
C HIS A 183 24.87 10.54 -4.29
N THR A 184 24.74 11.10 -3.09
CA THR A 184 25.31 10.54 -1.89
C THR A 184 24.25 9.78 -1.10
N GLU A 185 24.64 8.64 -0.53
CA GLU A 185 23.68 7.77 0.14
C GLU A 185 23.12 8.44 1.37
N GLU A 186 21.79 8.39 1.52
CA GLU A 186 21.11 8.93 2.69
C GLU A 186 20.24 7.81 3.26
N TYR A 187 20.84 6.94 4.07
CA TYR A 187 20.17 5.73 4.54
C TYR A 187 18.74 6.01 4.98
N SER A 188 18.57 6.86 6.00
CA SER A 188 17.22 7.13 6.51
C SER A 188 16.41 7.98 5.52
N GLY A 189 17.06 8.92 4.83
CA GLY A 189 16.34 9.73 3.86
C GLY A 189 15.62 8.88 2.81
N GLU A 190 16.30 7.84 2.33
CA GLU A 190 15.72 6.93 1.35
C GLU A 190 14.52 6.16 1.91
N GLU A 191 14.36 6.13 3.23
CA GLU A 191 13.23 5.49 3.88
C GLU A 191 12.09 6.46 4.19
N LYS A 192 12.07 7.64 3.56
CA LYS A 192 11.20 8.70 4.05
C LYS A 192 9.72 8.34 3.88
N THR A 193 9.35 7.69 2.76
CA THR A 193 7.93 7.40 2.52
C THR A 193 7.37 6.40 3.53
N TRP A 194 8.22 5.51 4.05
CA TRP A 194 7.75 4.67 5.16
C TRP A 194 7.39 5.54 6.35
N MET A 195 8.18 6.61 6.58
CA MET A 195 7.82 7.51 7.69
C MET A 195 6.54 8.28 7.39
N TRP A 196 6.26 8.59 6.12
CA TRP A 196 4.98 9.20 5.81
C TRP A 196 3.83 8.31 6.29
N TRP A 197 3.95 7.01 6.04
CA TRP A 197 2.92 6.05 6.39
C TRP A 197 2.85 5.85 7.90
N HIS A 198 4.01 5.67 8.53
CA HIS A 198 4.04 5.43 9.96
C HIS A 198 3.34 6.54 10.73
N ASN A 199 3.72 7.80 10.44
CA ASN A 199 3.11 8.92 11.15
C ASN A 199 1.60 9.01 10.89
N PHE A 200 1.17 8.79 9.64
CA PHE A 200 -0.25 8.84 9.32
C PHE A 200 -1.01 7.82 10.15
N ARG A 201 -0.54 6.56 10.16
CA ARG A 201 -1.29 5.53 10.83
C ARG A 201 -1.14 5.64 12.35
N THR A 202 -0.09 6.30 12.83
CA THR A 202 0.04 6.55 14.26
C THR A 202 -0.97 7.62 14.71
N LEU A 203 -1.16 8.65 13.89
CA LEU A 203 -2.14 9.69 14.19
C LEU A 203 -3.56 9.12 14.20
N CYS A 204 -3.88 8.24 13.24
CA CYS A 204 -5.14 7.54 13.07
C CYS A 204 -5.31 6.37 14.05
N ASP A 205 -4.36 6.20 14.96
CA ASP A 205 -4.41 5.28 16.09
C ASP A 205 -4.57 3.83 15.63
N TYR A 206 -3.77 3.46 14.64
CA TYR A 206 -3.71 2.08 14.19
C TYR A 206 -5.12 1.54 13.89
N SER A 207 -5.93 2.36 13.21
CA SER A 207 -7.22 1.85 12.78
C SER A 207 -7.03 0.63 11.91
N LYS A 208 -7.86 -0.38 12.15
CA LYS A 208 -7.80 -1.61 11.38
C LYS A 208 -8.27 -1.43 9.95
N ARG A 209 -9.03 -0.38 9.67
CA ARG A 209 -9.57 -0.09 8.35
C ARG A 209 -8.57 0.62 7.44
N ILE A 210 -7.35 0.90 7.93
CA ILE A 210 -6.35 1.69 7.21
C ILE A 210 -5.17 0.79 6.83
N ALA A 211 -4.90 0.70 5.53
CA ALA A 211 -4.02 -0.28 4.92
C ALA A 211 -3.16 0.41 3.85
N VAL A 212 -2.12 -0.28 3.37
CA VAL A 212 -1.16 0.30 2.44
C VAL A 212 -1.44 -0.18 1.02
N ALA A 213 -1.40 0.75 0.06
CA ALA A 213 -1.36 0.45 -1.37
C ALA A 213 0.02 0.88 -1.86
N LEU A 214 0.96 -0.06 -1.88
CA LEU A 214 2.36 0.25 -2.16
C LEU A 214 2.59 0.40 -3.67
N GLU A 215 3.08 1.59 -4.07
CA GLU A 215 3.31 1.92 -5.47
C GLU A 215 4.78 1.73 -5.88
N ILE A 216 4.98 0.92 -6.92
CA ILE A 216 6.30 0.44 -7.34
C ILE A 216 6.77 1.24 -8.55
N GLY A 217 8.00 1.73 -8.49
CA GLY A 217 8.54 2.56 -9.55
C GLY A 217 9.51 1.83 -10.46
N ALA A 218 9.93 2.56 -11.50
CA ALA A 218 10.76 2.00 -12.55
C ALA A 218 12.12 1.54 -12.02
N ASP A 219 12.65 2.24 -11.03
CA ASP A 219 13.89 1.86 -10.36
C ASP A 219 13.57 1.58 -8.91
N LEU A 220 14.00 0.41 -8.43
CA LEU A 220 13.80 -0.01 -7.06
C LEU A 220 14.83 0.62 -6.14
N PRO A 221 14.47 0.89 -4.89
CA PRO A 221 15.43 1.46 -3.94
C PRO A 221 16.34 0.36 -3.40
N SER A 222 17.31 0.77 -2.58
CA SER A 222 18.11 -0.18 -1.81
C SER A 222 17.21 -1.22 -1.13
N ASN A 223 17.73 -2.42 -0.88
CA ASN A 223 16.93 -3.48 -0.30
C ASN A 223 16.34 -3.06 1.04
N HIS A 224 17.08 -2.29 1.84
CA HIS A 224 16.59 -1.96 3.17
C HIS A 224 15.35 -1.07 3.10
N VAL A 225 15.22 -0.28 2.03
CA VAL A 225 14.01 0.50 1.82
C VAL A 225 12.82 -0.41 1.63
N ILE A 226 13.01 -1.50 0.86
CA ILE A 226 11.94 -2.44 0.60
C ILE A 226 11.56 -3.17 1.89
N ASP A 227 12.55 -3.76 2.57
CA ASP A 227 12.31 -4.46 3.81
C ASP A 227 11.63 -3.60 4.87
N ARG A 228 11.77 -2.26 4.79
CA ARG A 228 11.06 -1.38 5.73
C ARG A 228 9.58 -1.71 5.82
N TRP A 229 8.99 -2.22 4.73
CA TRP A 229 7.57 -2.44 4.66
C TRP A 229 7.17 -3.82 5.14
N LEU A 230 8.15 -4.64 5.54
CA LEU A 230 7.85 -5.94 6.11
C LEU A 230 7.03 -5.78 7.38
N GLY A 231 6.05 -6.67 7.57
CA GLY A 231 5.17 -6.52 8.71
C GLY A 231 4.10 -5.46 8.58
N GLU A 232 4.08 -4.72 7.51
CA GLU A 232 3.04 -3.72 7.40
C GLU A 232 1.83 -4.30 6.67
N PRO A 233 0.65 -3.70 6.91
CA PRO A 233 -0.62 -4.17 6.32
C PRO A 233 -0.74 -3.77 4.85
N ILE A 234 0.03 -4.43 4.00
CA ILE A 234 -0.05 -4.17 2.56
C ILE A 234 -1.23 -4.94 2.00
N LYS A 235 -2.25 -4.21 1.52
CA LYS A 235 -3.38 -4.84 0.86
C LYS A 235 -3.31 -4.77 -0.66
N ALA A 236 -2.59 -3.79 -1.23
CA ALA A 236 -2.44 -3.75 -2.68
C ALA A 236 -1.04 -3.28 -3.07
N ALA A 237 -0.61 -3.74 -4.25
CA ALA A 237 0.62 -3.29 -4.88
C ALA A 237 0.25 -2.68 -6.23
N ILE A 238 0.79 -1.50 -6.53
CA ILE A 238 0.41 -0.75 -7.72
C ILE A 238 1.58 -0.77 -8.70
N LEU A 239 1.33 -1.30 -9.89
CA LEU A 239 2.36 -1.44 -10.92
C LEU A 239 2.03 -0.53 -12.10
N PRO A 240 2.72 0.61 -12.24
CA PRO A 240 2.55 1.43 -13.45
C PRO A 240 3.04 0.69 -14.69
N THR A 241 2.32 0.90 -15.80
CA THR A 241 2.76 0.31 -17.07
C THR A 241 4.12 0.83 -17.50
N SER A 242 4.56 1.96 -16.93
CA SER A 242 5.84 2.57 -17.25
C SER A 242 7.02 1.70 -16.83
N ILE A 243 6.85 0.81 -15.83
CA ILE A 243 7.98 0.02 -15.35
C ILE A 243 8.21 -1.24 -16.16
N PHE A 244 7.25 -1.67 -16.97
CA PHE A 244 7.41 -2.90 -17.72
C PHE A 244 8.41 -2.73 -18.85
N LEU A 245 9.30 -3.72 -18.99
CA LEU A 245 10.22 -3.80 -20.11
C LEU A 245 9.53 -4.50 -21.29
N THR A 246 10.30 -4.74 -22.34
CA THR A 246 9.79 -5.33 -23.58
C THR A 246 10.76 -6.40 -24.04
N ASN A 247 10.26 -7.61 -24.26
CA ASN A 247 11.10 -8.70 -24.73
C ASN A 247 11.17 -8.66 -26.26
N LYS A 248 11.81 -9.67 -26.85
CA LYS A 248 11.96 -9.70 -28.31
C LYS A 248 10.59 -9.65 -28.99
N LYS A 249 9.68 -10.53 -28.59
CA LYS A 249 8.38 -10.63 -29.25
C LYS A 249 7.52 -9.38 -29.06
N GLY A 250 7.96 -8.40 -28.28
CA GLY A 250 7.19 -7.18 -28.09
C GLY A 250 6.23 -7.19 -26.91
N PHE A 251 6.36 -8.15 -25.98
CA PHE A 251 5.42 -8.16 -24.88
C PHE A 251 6.02 -7.50 -23.64
N PRO A 252 5.18 -6.89 -22.80
CA PRO A 252 5.69 -6.28 -21.56
C PRO A 252 6.11 -7.35 -20.55
N VAL A 253 7.28 -7.14 -19.95
CA VAL A 253 7.78 -8.02 -18.89
C VAL A 253 8.41 -7.15 -17.82
N LEU A 254 9.00 -7.79 -16.81
CA LEU A 254 9.65 -7.08 -15.71
C LEU A 254 11.08 -7.57 -15.52
N SER A 255 11.93 -6.66 -15.06
CA SER A 255 13.30 -6.97 -14.69
C SER A 255 13.34 -8.09 -13.65
N LYS A 256 14.49 -8.76 -13.58
CA LYS A 256 14.61 -9.84 -12.60
C LYS A 256 14.44 -9.32 -11.18
N MET A 257 14.89 -8.09 -10.91
CA MET A 257 14.71 -7.52 -9.57
C MET A 257 13.23 -7.27 -9.28
N HIS A 258 12.49 -6.73 -10.24
CA HIS A 258 11.05 -6.52 -10.04
C HIS A 258 10.33 -7.85 -9.84
N GLN A 259 10.66 -8.85 -10.65
CA GLN A 259 10.07 -10.18 -10.47
C GLN A 259 10.31 -10.69 -9.05
N ARG A 260 11.50 -10.43 -8.51
CA ARG A 260 11.77 -10.80 -7.13
C ARG A 260 10.77 -10.16 -6.17
N LEU A 261 10.46 -8.87 -6.38
CA LEU A 261 9.52 -8.16 -5.52
C LEU A 261 8.08 -8.64 -5.72
N ILE A 262 7.72 -9.00 -6.95
CA ILE A 262 6.41 -9.58 -7.19
C ILE A 262 6.24 -10.88 -6.41
N PHE A 263 7.22 -11.78 -6.51
CA PHE A 263 7.09 -13.05 -5.80
C PHE A 263 6.91 -12.83 -4.30
N ARG A 264 7.73 -11.96 -3.70
CA ARG A 264 7.55 -11.65 -2.28
C ARG A 264 6.13 -11.16 -2.01
N LEU A 265 5.53 -10.44 -2.95
CA LEU A 265 4.21 -9.88 -2.71
C LEU A 265 3.12 -10.93 -2.87
N LEU A 266 3.30 -11.86 -3.80
CA LEU A 266 2.37 -13.00 -3.91
C LEU A 266 2.34 -13.81 -2.62
N LYS A 267 3.42 -13.81 -1.85
CA LYS A 267 3.41 -14.52 -0.57
C LYS A 267 2.53 -13.82 0.44
N LEU A 268 2.36 -12.51 0.29
CA LEU A 268 1.40 -11.72 1.07
C LEU A 268 0.02 -11.67 0.42
N GLU A 269 -0.19 -12.37 -0.68
CA GLU A 269 -1.49 -12.43 -1.34
C GLU A 269 -2.12 -11.04 -1.45
N VAL A 270 -1.31 -10.06 -1.85
CA VAL A 270 -1.87 -8.73 -2.06
C VAL A 270 -2.68 -8.70 -3.36
N GLN A 271 -3.49 -7.67 -3.50
CA GLN A 271 -4.12 -7.40 -4.79
C GLN A 271 -3.23 -6.49 -5.61
N PHE A 272 -3.01 -6.85 -6.86
CA PHE A 272 -2.20 -6.04 -7.78
C PHE A 272 -3.09 -5.10 -8.58
N ILE A 273 -2.59 -3.89 -8.77
CA ILE A 273 -3.30 -2.84 -9.50
C ILE A 273 -2.42 -2.36 -10.64
N ILE A 274 -2.95 -2.36 -11.86
CA ILE A 274 -2.27 -1.89 -13.05
C ILE A 274 -2.74 -0.46 -13.31
N THR A 275 -1.81 0.49 -13.29
CA THR A 275 -2.11 1.89 -13.50
C THR A 275 -1.31 2.41 -14.68
N GLY A 276 -1.86 3.42 -15.34
CA GLY A 276 -1.23 4.04 -16.49
C GLY A 276 -1.88 3.62 -17.81
N THR A 277 -1.39 4.19 -18.91
CA THR A 277 -1.92 3.82 -20.21
C THR A 277 -1.08 2.73 -20.86
N ASN A 278 -1.62 2.18 -21.94
CA ASN A 278 -0.96 1.09 -22.66
C ASN A 278 0.15 1.68 -23.52
N HIS A 279 1.40 1.37 -23.16
CA HIS A 279 2.56 1.80 -23.91
C HIS A 279 3.08 0.72 -24.85
N HIS A 280 2.49 -0.48 -24.80
CA HIS A 280 2.78 -1.51 -25.78
C HIS A 280 1.62 -1.63 -26.75
N SER A 281 1.33 -0.54 -27.47
CA SER A 281 0.12 -0.47 -28.30
C SER A 281 0.05 -1.60 -29.31
N GLU A 282 1.21 -2.15 -29.71
CA GLU A 282 1.20 -3.28 -30.63
C GLU A 282 0.47 -4.48 -30.04
N LYS A 283 0.43 -4.59 -28.71
CA LYS A 283 -0.26 -5.66 -28.03
C LYS A 283 -1.46 -5.11 -27.27
N GLU A 284 -2.53 -5.90 -27.21
CA GLU A 284 -3.71 -5.48 -26.47
C GLU A 284 -3.37 -5.33 -24.98
N PHE A 285 -4.29 -4.70 -24.25
CA PHE A 285 -3.94 -4.24 -22.92
C PHE A 285 -3.90 -5.38 -21.91
N CYS A 286 -4.58 -6.50 -22.16
CA CYS A 286 -4.60 -7.61 -21.21
C CYS A 286 -3.21 -8.24 -21.11
N SER A 287 -2.26 -7.74 -21.92
CA SER A 287 -0.89 -8.26 -21.89
C SER A 287 -0.26 -8.10 -20.52
N TYR A 288 -0.30 -6.88 -19.97
CA TYR A 288 0.29 -6.64 -18.66
C TYR A 288 -0.20 -7.67 -17.65
N LEU A 289 -1.53 -7.86 -17.59
CA LEU A 289 -2.11 -8.76 -16.62
C LEU A 289 -1.68 -10.20 -16.87
N GLN A 290 -1.71 -10.63 -18.15
CA GLN A 290 -1.31 -12.00 -18.45
C GLN A 290 0.09 -12.30 -17.95
N TYR A 291 0.98 -11.29 -17.95
CA TYR A 291 2.33 -11.52 -17.45
C TYR A 291 2.31 -11.82 -15.95
N LEU A 292 1.49 -11.10 -15.18
CA LEU A 292 1.36 -11.40 -13.77
C LEU A 292 0.89 -12.83 -13.55
N GLU A 293 -0.15 -13.23 -14.28
CA GLU A 293 -0.63 -14.61 -14.19
C GLU A 293 0.49 -15.58 -14.53
N TYR A 294 1.35 -15.20 -15.48
CA TYR A 294 2.52 -16.02 -15.81
C TYR A 294 3.48 -16.15 -14.63
N LEU A 295 3.80 -15.02 -14.00
CA LEU A 295 4.65 -15.07 -12.81
C LEU A 295 4.00 -15.87 -11.69
N SER A 296 2.68 -15.77 -11.56
CA SER A 296 1.99 -16.46 -10.46
C SER A 296 2.05 -17.97 -10.65
N GLN A 297 1.75 -18.44 -11.87
CA GLN A 297 1.82 -19.87 -12.16
C GLN A 297 3.24 -20.42 -12.04
N ASN A 298 4.26 -19.56 -12.09
CA ASN A 298 5.66 -20.00 -12.04
C ASN A 298 6.19 -19.77 -10.63
N ARG A 299 6.09 -20.81 -9.82
CA ARG A 299 6.65 -20.79 -8.47
C ARG A 299 6.35 -22.14 -7.83
N PRO A 300 7.15 -22.57 -6.85
CA PRO A 300 6.96 -23.90 -6.28
C PRO A 300 5.58 -24.05 -5.66
N PRO A 301 4.82 -25.06 -6.05
CA PRO A 301 3.48 -25.27 -5.48
C PRO A 301 3.55 -25.51 -3.99
N PRO A 302 2.41 -25.73 -3.33
CA PRO A 302 2.41 -25.97 -1.88
C PRO A 302 3.28 -27.16 -1.51
N ASN A 303 4.29 -26.91 -0.67
CA ASN A 303 5.26 -27.93 -0.28
C ASN A 303 4.89 -28.46 1.10
N ALA A 304 3.85 -29.31 1.13
CA ALA A 304 3.42 -29.99 2.35
C ALA A 304 3.18 -29.03 3.50
N TYR A 305 4.26 -28.50 4.10
CA TYR A 305 4.15 -27.54 5.20
C TYR A 305 3.45 -26.27 4.74
N GLU A 306 4.10 -25.49 3.86
CA GLU A 306 3.47 -24.28 3.33
C GLU A 306 2.07 -24.59 2.81
N LEU A 307 1.90 -25.73 2.14
CA LEU A 307 0.57 -26.18 1.76
C LEU A 307 -0.37 -26.19 2.96
N PHE A 308 0.10 -26.74 4.09
CA PHE A 308 -0.73 -26.91 5.27
C PHE A 308 -0.78 -25.66 6.15
N ALA A 309 0.33 -24.94 6.26
CA ALA A 309 0.35 -23.76 7.11
C ALA A 309 -0.57 -22.66 6.57
N LYS A 310 -0.67 -22.54 5.25
CA LYS A 310 -1.58 -21.56 4.66
C LYS A 310 -2.98 -21.81 5.16
N GLY A 311 -3.67 -20.72 5.50
CA GLY A 311 -4.91 -20.77 6.24
C GLY A 311 -4.74 -20.35 7.69
N TYR A 312 -3.61 -20.71 8.30
CA TYR A 312 -3.33 -20.32 9.67
C TYR A 312 -2.45 -19.08 9.76
N GLU A 313 -2.13 -18.45 8.62
CA GLU A 313 -1.14 -17.39 8.63
C GLU A 313 -1.58 -16.22 9.50
N ASP A 314 -0.73 -15.86 10.46
CA ASP A 314 -0.97 -14.71 11.34
C ASP A 314 -2.30 -14.83 12.12
N TYR A 315 -2.77 -16.06 12.30
CA TYR A 315 -3.98 -16.35 13.08
C TYR A 315 -3.59 -16.67 14.52
N LEU A 316 -4.00 -15.81 15.45
CA LEU A 316 -3.60 -15.98 16.85
C LEU A 316 -4.33 -17.14 17.50
N GLN A 317 -3.59 -18.04 18.18
CA GLN A 317 -4.23 -19.11 18.94
C GLN A 317 -3.76 -19.12 20.39
N SER A 318 -4.66 -19.45 21.29
CA SER A 318 -4.28 -19.69 22.69
C SER A 318 -3.37 -20.91 22.76
N PRO A 319 -2.24 -20.84 23.47
CA PRO A 319 -1.42 -22.04 23.59
C PRO A 319 -2.18 -23.12 24.36
N LEU A 320 -2.10 -24.34 23.83
CA LEU A 320 -2.62 -25.49 24.54
C LEU A 320 -1.96 -25.63 25.90
N GLN A 321 -2.76 -26.08 26.88
CA GLN A 321 -2.28 -26.53 28.19
C GLN A 321 -2.76 -27.94 28.41
N PRO A 322 -2.04 -28.94 27.91
CA PRO A 322 -2.50 -30.33 28.08
C PRO A 322 -2.43 -30.81 29.51
N LEU A 323 -1.76 -30.07 30.40
CA LEU A 323 -1.74 -30.49 31.79
C LEU A 323 -3.05 -30.11 32.48
N MET A 324 -3.34 -28.81 32.49
CA MET A 324 -4.55 -28.35 33.16
C MET A 324 -5.81 -28.74 32.38
N ASP A 325 -5.73 -28.82 31.06
CA ASP A 325 -6.90 -29.06 30.22
C ASP A 325 -6.83 -30.46 29.63
N ASN A 326 -7.99 -31.09 29.44
CA ASN A 326 -8.03 -32.35 28.73
C ASN A 326 -8.27 -32.07 27.25
N LEU A 327 -7.29 -32.41 26.43
CA LEU A 327 -7.36 -32.14 24.99
C LEU A 327 -8.48 -32.95 24.34
N GLU A 328 -9.08 -32.35 23.31
CA GLU A 328 -10.12 -33.01 22.54
C GLU A 328 -9.54 -34.04 21.58
N SER A 329 -10.43 -34.87 21.03
CA SER A 329 -10.04 -35.94 20.13
C SER A 329 -9.33 -35.39 18.90
N GLN A 330 -9.91 -34.36 18.26
CA GLN A 330 -9.35 -33.87 17.00
C GLN A 330 -8.04 -33.12 17.20
N THR A 331 -7.73 -32.73 18.44
CA THR A 331 -6.45 -32.13 18.74
C THR A 331 -5.34 -33.19 18.79
N TYR A 332 -5.61 -34.37 19.35
CA TYR A 332 -4.66 -35.46 19.20
C TYR A 332 -4.50 -35.82 17.73
N GLU A 333 -5.61 -35.82 16.98
CA GLU A 333 -5.50 -36.11 15.55
C GLU A 333 -4.43 -35.24 14.89
N VAL A 334 -4.43 -33.93 15.15
CA VAL A 334 -3.45 -33.03 14.56
C VAL A 334 -2.03 -33.44 14.96
N PHE A 335 -1.85 -33.80 16.23
CA PHE A 335 -0.54 -34.26 16.69
C PHE A 335 -0.07 -35.44 15.86
N GLU A 336 -0.98 -36.35 15.54
CA GLU A 336 -0.68 -37.66 14.96
C GLU A 336 -0.41 -37.59 13.46
N LYS A 337 -0.83 -36.51 12.83
CA LYS A 337 -0.69 -36.33 11.38
C LYS A 337 0.69 -35.79 11.00
N ASP A 338 1.74 -36.28 11.63
CA ASP A 338 3.10 -35.78 11.40
C ASP A 338 4.07 -36.95 11.51
N PRO A 339 4.25 -37.70 10.43
CA PRO A 339 5.07 -38.91 10.54
C PRO A 339 6.55 -38.64 10.70
N ILE A 340 7.06 -37.51 10.20
CA ILE A 340 8.47 -37.17 10.40
C ILE A 340 8.78 -37.01 11.88
N LYS A 341 7.84 -36.44 12.64
CA LYS A 341 8.07 -36.28 14.07
C LYS A 341 8.17 -37.63 14.79
N TYR A 342 7.27 -38.57 14.48
CA TYR A 342 7.32 -39.79 15.27
C TYR A 342 8.40 -40.74 14.76
N SER A 343 8.78 -40.63 13.49
CA SER A 343 9.90 -41.41 12.98
C SER A 343 11.21 -41.00 13.64
N GLN A 344 11.31 -39.74 14.08
CA GLN A 344 12.44 -39.29 14.89
C GLN A 344 12.40 -39.91 16.29
N TYR A 345 11.22 -39.90 16.92
CA TYR A 345 11.05 -40.62 18.18
C TYR A 345 11.40 -42.09 18.03
N GLN A 346 10.95 -42.72 16.95
CA GLN A 346 11.29 -44.12 16.74
C GLN A 346 12.80 -44.29 16.63
N GLN A 347 13.48 -43.34 15.97
CA GLN A 347 14.93 -43.47 15.83
C GLN A 347 15.63 -43.24 17.17
N ALA A 348 15.14 -42.28 17.97
CA ALA A 348 15.71 -42.06 19.30
C ALA A 348 15.62 -43.32 20.15
N ILE A 349 14.45 -43.95 20.16
CA ILE A 349 14.26 -45.18 20.94
C ILE A 349 15.12 -46.30 20.38
N TYR A 350 15.09 -46.49 19.06
CA TYR A 350 15.91 -47.49 18.39
C TYR A 350 17.36 -47.41 18.84
N LYS A 351 17.95 -46.21 18.74
CA LYS A 351 19.36 -46.05 19.13
C LYS A 351 19.56 -46.31 20.61
N CYS A 352 18.67 -45.81 21.47
CA CYS A 352 18.84 -46.02 22.90
C CYS A 352 18.82 -47.52 23.26
N LEU A 353 17.85 -48.26 22.70
CA LEU A 353 17.77 -49.68 22.97
C LEU A 353 19.09 -50.38 22.68
N LEU A 354 19.73 -50.03 21.56
CA LEU A 354 20.96 -50.70 21.17
C LEU A 354 22.13 -50.32 22.08
N ASP A 355 22.16 -49.09 22.58
CA ASP A 355 23.24 -48.73 23.49
C ASP A 355 23.10 -49.38 24.86
N ARG A 356 21.88 -49.75 25.25
CA ARG A 356 21.62 -50.26 26.59
C ARG A 356 21.61 -51.78 26.67
N VAL A 357 21.41 -52.47 25.55
CA VAL A 357 21.22 -53.91 25.53
C VAL A 357 22.19 -54.51 24.52
N PRO A 358 23.33 -55.03 24.99
CA PRO A 358 24.27 -55.65 24.06
C PRO A 358 23.65 -56.85 23.35
N GLU A 359 24.15 -57.10 22.14
CA GLU A 359 23.66 -58.20 21.33
C GLU A 359 23.52 -59.50 22.12
N GLU A 360 24.57 -59.87 22.86
CA GLU A 360 24.57 -61.15 23.57
C GLU A 360 23.47 -61.24 24.62
N GLU A 361 22.81 -60.13 24.97
CA GLU A 361 21.73 -60.14 25.95
C GLU A 361 20.37 -59.89 25.30
N LYS A 362 20.27 -59.99 23.97
CA LYS A 362 19.08 -59.55 23.26
C LYS A 362 17.84 -60.35 23.66
N ASP A 363 18.02 -61.59 24.10
CA ASP A 363 16.90 -62.44 24.47
C ASP A 363 16.63 -62.47 25.98
N THR A 364 17.58 -62.00 26.79
CA THR A 364 17.45 -62.01 28.25
C THR A 364 17.10 -60.66 28.85
N ASN A 365 17.47 -59.56 28.20
CA ASN A 365 17.34 -58.22 28.77
C ASN A 365 16.08 -57.55 28.23
N VAL A 366 15.04 -57.48 29.06
CA VAL A 366 13.79 -56.82 28.73
C VAL A 366 13.80 -55.43 29.34
N GLN A 367 13.80 -54.40 28.49
CA GLN A 367 13.84 -53.01 28.96
C GLN A 367 12.44 -52.49 29.22
N VAL A 368 12.27 -51.82 30.35
CA VAL A 368 10.99 -51.25 30.71
C VAL A 368 10.91 -49.82 30.16
N LEU A 369 9.92 -49.61 29.28
CA LEU A 369 9.70 -48.34 28.60
C LEU A 369 8.39 -47.73 29.09
N MET A 370 8.44 -46.48 29.51
CA MET A 370 7.26 -45.78 29.99
C MET A 370 7.03 -44.54 29.13
N VAL A 371 5.89 -44.51 28.46
CA VAL A 371 5.45 -43.32 27.74
C VAL A 371 4.68 -42.47 28.75
N LEU A 372 5.15 -41.25 28.98
CA LEU A 372 4.60 -40.38 30.02
C LEU A 372 3.79 -39.29 29.34
N GLY A 373 2.49 -39.52 29.20
CA GLY A 373 1.67 -38.63 28.39
C GLY A 373 1.43 -39.20 27.01
N ALA A 374 0.80 -40.36 26.95
CA ALA A 374 0.69 -41.15 25.72
C ALA A 374 -0.43 -40.69 24.79
N GLY A 375 -1.34 -39.83 25.25
CA GLY A 375 -2.47 -39.45 24.42
C GLY A 375 -3.19 -40.68 23.87
N ARG A 376 -3.29 -40.76 22.53
CA ARG A 376 -4.01 -41.86 21.88
C ARG A 376 -3.11 -42.97 21.36
N GLY A 377 -1.80 -42.89 21.55
CA GLY A 377 -0.93 -44.03 21.28
C GLY A 377 0.23 -43.87 20.29
N PRO A 378 0.49 -42.68 19.75
CA PRO A 378 1.54 -42.60 18.72
C PRO A 378 2.91 -43.03 19.22
N LEU A 379 3.34 -42.60 20.41
CA LEU A 379 4.65 -43.02 20.92
C LEU A 379 4.66 -44.48 21.27
N VAL A 380 3.54 -45.01 21.77
CA VAL A 380 3.44 -46.43 22.08
C VAL A 380 3.71 -47.26 20.83
N ASN A 381 3.15 -46.85 19.69
CA ASN A 381 3.41 -47.58 18.45
C ASN A 381 4.83 -47.34 17.95
N ALA A 382 5.33 -46.11 18.09
CA ALA A 382 6.72 -45.85 17.71
C ALA A 382 7.67 -46.65 18.57
N SER A 383 7.33 -46.81 19.86
CA SER A 383 8.17 -47.64 20.74
C SER A 383 8.15 -49.10 20.31
N LEU A 384 7.01 -49.60 19.84
CA LEU A 384 6.95 -51.00 19.40
C LEU A 384 7.74 -51.20 18.12
N ARG A 385 7.55 -50.31 17.15
CA ARG A 385 8.31 -50.39 15.91
C ARG A 385 9.81 -50.26 16.17
N ALA A 386 10.19 -49.48 17.18
CA ALA A 386 11.60 -49.31 17.49
C ALA A 386 12.23 -50.61 17.98
N ALA A 387 11.54 -51.28 18.91
CA ALA A 387 12.06 -52.54 19.44
C ALA A 387 12.13 -53.63 18.37
N LYS A 388 11.23 -53.59 17.39
CA LYS A 388 11.29 -54.58 16.30
C LYS A 388 12.53 -54.37 15.44
N GLN A 389 12.68 -53.17 14.88
CA GLN A 389 13.81 -52.92 13.99
C GLN A 389 15.15 -53.04 14.71
N ALA A 390 15.15 -52.87 16.04
CA ALA A 390 16.33 -53.04 16.87
C ALA A 390 16.51 -54.46 17.36
N ASP A 391 15.50 -55.32 17.20
CA ASP A 391 15.58 -56.71 17.64
C ASP A 391 15.88 -56.80 19.13
N ARG A 392 15.10 -56.04 19.91
CA ARG A 392 15.24 -56.06 21.36
C ARG A 392 13.86 -56.17 22.01
N ARG A 393 13.87 -56.60 23.27
CA ARG A 393 12.65 -56.86 24.03
C ARG A 393 12.33 -55.69 24.95
N ILE A 394 11.06 -55.26 24.95
CA ILE A 394 10.63 -54.13 25.76
C ILE A 394 9.34 -54.48 26.49
N LYS A 395 9.18 -53.88 27.67
CA LYS A 395 7.94 -53.93 28.44
C LYS A 395 7.44 -52.50 28.59
N LEU A 396 6.21 -52.26 28.11
CA LEU A 396 5.68 -50.92 27.90
C LEU A 396 4.62 -50.55 28.93
N TYR A 397 4.71 -49.33 29.47
CA TYR A 397 3.61 -48.71 30.18
C TYR A 397 3.20 -47.45 29.43
N ALA A 398 1.89 -47.24 29.31
CA ALA A 398 1.34 -46.07 28.61
C ALA A 398 0.59 -45.22 29.63
N VAL A 399 1.20 -44.13 30.07
CA VAL A 399 0.65 -43.31 31.14
C VAL A 399 -0.02 -42.08 30.53
N GLU A 400 -1.31 -41.89 30.82
CA GLU A 400 -2.10 -40.78 30.31
C GLU A 400 -3.12 -40.36 31.36
N LYS A 401 -3.15 -39.05 31.66
CA LYS A 401 -4.06 -38.56 32.68
C LYS A 401 -5.42 -38.14 32.12
N ASN A 402 -5.51 -37.88 30.83
CA ASN A 402 -6.77 -37.53 30.17
C ASN A 402 -7.65 -38.77 30.02
N PRO A 403 -8.66 -38.99 30.87
CA PRO A 403 -9.44 -40.24 30.78
C PRO A 403 -10.11 -40.45 29.44
N ASN A 404 -10.39 -39.36 28.71
CA ASN A 404 -11.01 -39.50 27.39
C ASN A 404 -10.08 -40.22 26.41
N ALA A 405 -8.78 -39.87 26.43
CA ALA A 405 -7.82 -40.55 25.56
C ALA A 405 -7.47 -41.94 26.09
N VAL A 406 -7.57 -42.14 27.41
CA VAL A 406 -7.41 -43.49 27.95
C VAL A 406 -8.43 -44.45 27.38
N VAL A 407 -9.60 -43.94 26.97
CA VAL A 407 -10.56 -44.79 26.25
C VAL A 407 -9.91 -45.30 24.96
N THR A 408 -9.24 -44.40 24.23
CA THR A 408 -8.59 -44.82 22.99
C THR A 408 -7.51 -45.86 23.27
N LEU A 409 -6.67 -45.60 24.28
CA LEU A 409 -5.55 -46.48 24.60
C LEU A 409 -6.02 -47.87 25.00
N GLU A 410 -7.15 -47.97 25.72
CA GLU A 410 -7.58 -49.27 26.22
C GLU A 410 -8.32 -50.08 25.17
N ASN A 411 -8.97 -49.42 24.19
CA ASN A 411 -9.50 -50.19 23.08
C ASN A 411 -8.35 -50.71 22.20
N TRP A 412 -7.32 -49.86 22.00
CA TRP A 412 -6.10 -50.29 21.33
C TRP A 412 -5.44 -51.45 22.05
N GLN A 413 -5.28 -51.33 23.37
CA GLN A 413 -4.58 -52.36 24.13
C GLN A 413 -5.32 -53.71 24.09
N PHE A 414 -6.65 -53.68 24.11
CA PHE A 414 -7.41 -54.92 24.01
C PHE A 414 -7.40 -55.49 22.60
N GLU A 415 -7.40 -54.64 21.57
CA GLU A 415 -7.62 -55.08 20.20
C GLU A 415 -6.33 -55.45 19.48
N GLU A 416 -5.22 -54.81 19.84
CA GLU A 416 -3.96 -54.93 19.11
C GLU A 416 -2.76 -55.18 20.02
N TRP A 417 -2.45 -54.23 20.91
CA TRP A 417 -1.21 -54.30 21.67
C TRP A 417 -1.14 -55.55 22.53
N GLY A 418 -2.22 -55.86 23.23
CA GLY A 418 -2.20 -56.96 24.17
C GLY A 418 -1.34 -56.64 25.39
N SER A 419 -0.96 -57.72 26.07
CA SER A 419 -0.39 -57.64 27.41
C SER A 419 0.96 -56.95 27.45
N GLN A 420 1.66 -56.82 26.31
CA GLN A 420 2.93 -56.09 26.30
C GLN A 420 2.75 -54.62 26.68
N VAL A 421 1.53 -54.08 26.62
CA VAL A 421 1.27 -52.69 27.01
C VAL A 421 0.37 -52.69 28.24
N THR A 422 0.78 -51.94 29.25
CA THR A 422 -0.05 -51.68 30.42
C THR A 422 -0.41 -50.19 30.39
N VAL A 423 -1.70 -49.90 30.20
CA VAL A 423 -2.20 -48.53 30.19
C VAL A 423 -2.45 -48.10 31.63
N VAL A 424 -1.98 -46.90 31.99
CA VAL A 424 -2.10 -46.38 33.35
C VAL A 424 -2.84 -45.05 33.27
N SER A 425 -4.01 -44.99 33.93
CA SER A 425 -4.85 -43.78 33.89
C SER A 425 -4.53 -42.93 35.11
N SER A 426 -3.52 -42.06 34.98
CA SER A 426 -3.00 -41.39 36.16
C SER A 426 -2.08 -40.23 35.78
N ASP A 427 -1.91 -39.33 36.74
CA ASP A 427 -0.94 -38.26 36.63
C ASP A 427 0.44 -38.82 36.93
N MET A 428 1.41 -38.52 36.07
CA MET A 428 2.73 -39.13 36.23
C MET A 428 3.44 -38.62 37.47
N ARG A 429 2.97 -37.51 38.04
CA ARG A 429 3.54 -36.99 39.26
C ARG A 429 3.02 -37.70 40.51
N GLU A 430 1.91 -38.43 40.41
CA GLU A 430 1.34 -39.15 41.54
C GLU A 430 1.40 -40.66 41.42
N TRP A 431 1.52 -41.20 40.21
CA TRP A 431 1.44 -42.64 39.99
C TRP A 431 2.55 -43.38 40.73
N VAL A 432 2.17 -44.43 41.46
CA VAL A 432 3.11 -45.30 42.16
C VAL A 432 3.44 -46.45 41.23
N ALA A 433 4.57 -46.35 40.52
CA ALA A 433 4.92 -47.35 39.54
C ALA A 433 5.27 -48.66 40.24
N PRO A 434 4.90 -49.81 39.66
CA PRO A 434 5.25 -51.09 40.26
C PRO A 434 6.70 -51.48 40.06
N GLU A 435 7.41 -50.83 39.13
CA GLU A 435 8.82 -51.09 38.87
C GLU A 435 9.42 -49.82 38.26
N LYS A 436 10.75 -49.80 38.15
CA LYS A 436 11.45 -48.63 37.63
C LYS A 436 11.70 -48.80 36.14
N ALA A 437 11.81 -47.68 35.44
CA ALA A 437 11.93 -47.66 33.99
C ALA A 437 13.39 -47.56 33.54
N ASP A 438 13.68 -48.26 32.44
CA ASP A 438 14.95 -48.06 31.75
C ASP A 438 14.92 -46.83 30.86
N ILE A 439 13.73 -46.45 30.37
CA ILE A 439 13.54 -45.30 29.49
C ILE A 439 12.13 -44.75 29.71
N ILE A 440 12.05 -43.45 29.95
CA ILE A 440 10.78 -42.73 29.92
C ILE A 440 10.76 -41.88 28.65
N VAL A 441 9.64 -41.92 27.92
CA VAL A 441 9.48 -41.20 26.66
C VAL A 441 8.31 -40.24 26.82
N SER A 442 8.49 -38.99 26.40
CA SER A 442 7.46 -37.98 26.64
C SER A 442 7.38 -37.00 25.46
N GLU A 443 6.19 -36.40 25.31
CA GLU A 443 5.89 -35.38 24.30
C GLU A 443 5.09 -34.26 24.96
N LEU A 444 5.70 -33.66 25.98
CA LEU A 444 5.10 -32.65 26.84
C LEU A 444 5.50 -31.24 26.45
N LEU A 445 6.09 -31.06 25.25
CA LEU A 445 6.68 -29.80 24.84
C LEU A 445 5.70 -28.92 24.06
N GLY A 446 5.78 -27.62 24.31
CA GLY A 446 5.05 -26.63 23.56
C GLY A 446 5.92 -25.92 22.54
N SER A 447 5.35 -24.86 21.95
CA SER A 447 6.08 -24.08 20.95
C SER A 447 7.24 -23.32 21.58
N PHE A 448 7.20 -23.09 22.89
CA PHE A 448 8.31 -22.47 23.62
C PHE A 448 9.03 -23.49 24.52
N ALA A 449 8.91 -24.77 24.19
CA ALA A 449 9.55 -25.87 24.91
C ALA A 449 8.87 -26.17 26.23
N ASP A 450 9.22 -25.42 27.27
CA ASP A 450 8.78 -25.74 28.63
C ASP A 450 7.40 -25.16 28.97
N ASN A 451 6.71 -24.53 27.99
CA ASN A 451 5.51 -23.76 28.31
C ASN A 451 4.30 -24.64 28.60
N GLU A 452 4.44 -25.96 28.58
CA GLU A 452 3.39 -26.87 29.04
C GLU A 452 3.76 -27.52 30.37
N LEU A 453 4.91 -27.14 30.93
CA LEU A 453 5.38 -27.64 32.22
C LEU A 453 5.95 -29.06 32.11
N SER A 454 6.60 -29.35 30.97
CA SER A 454 7.37 -30.58 30.87
C SER A 454 8.41 -30.72 31.98
N PRO A 455 9.10 -29.67 32.42
CA PRO A 455 10.07 -29.87 33.50
C PRO A 455 9.40 -30.33 34.79
N GLU A 456 8.31 -29.66 35.19
CA GLU A 456 7.59 -30.05 36.40
C GLU A 456 7.05 -31.46 36.30
N CYS A 457 6.52 -31.81 35.13
CA CYS A 457 5.99 -33.15 34.93
C CYS A 457 7.09 -34.21 34.98
N LEU A 458 8.23 -33.95 34.33
CA LEU A 458 9.25 -34.98 34.32
C LEU A 458 10.02 -35.04 35.64
N ASP A 459 10.09 -33.93 36.38
CA ASP A 459 10.69 -33.99 37.71
C ASP A 459 9.88 -34.90 38.64
N GLY A 460 8.55 -34.82 38.56
CA GLY A 460 7.71 -35.63 39.44
C GLY A 460 7.68 -37.11 39.09
N ALA A 461 8.13 -37.46 37.89
CA ALA A 461 8.20 -38.84 37.44
C ALA A 461 9.59 -39.43 37.62
N GLN A 462 10.61 -38.59 37.83
CA GLN A 462 12.00 -39.03 37.88
C GLN A 462 12.20 -40.16 38.88
N HIS A 463 11.51 -40.10 40.02
CA HIS A 463 11.72 -41.08 41.08
C HIS A 463 11.59 -42.51 40.59
N PHE A 464 10.81 -42.78 39.55
CA PHE A 464 10.69 -44.15 39.08
C PHE A 464 11.46 -44.40 37.78
N LEU A 465 12.40 -43.53 37.44
CA LEU A 465 13.43 -43.80 36.43
C LEU A 465 14.63 -44.43 37.13
N LYS A 466 15.19 -45.48 36.54
CA LYS A 466 16.37 -46.12 37.11
C LYS A 466 17.53 -45.14 37.27
N ASP A 467 18.51 -45.53 38.08
CA ASP A 467 19.65 -44.66 38.33
C ASP A 467 20.46 -44.39 37.07
N ASP A 468 20.42 -45.30 36.10
CA ASP A 468 21.07 -45.11 34.81
C ASP A 468 20.06 -44.89 33.70
N GLY A 469 18.81 -44.59 34.06
CA GLY A 469 17.77 -44.47 33.07
C GLY A 469 17.97 -43.26 32.16
N VAL A 470 17.36 -43.36 30.98
CA VAL A 470 17.39 -42.34 29.96
C VAL A 470 16.01 -41.71 29.83
N SER A 471 15.97 -40.39 29.71
CA SER A 471 14.74 -39.66 29.36
C SER A 471 14.81 -39.18 27.92
N ILE A 472 13.76 -39.50 27.16
CA ILE A 472 13.59 -39.03 25.78
C ILE A 472 12.35 -38.15 25.73
N PRO A 473 12.47 -36.83 25.50
CA PRO A 473 13.69 -36.08 25.21
C PRO A 473 14.64 -35.95 26.40
N GLY A 474 15.91 -35.70 26.11
CA GLY A 474 16.92 -35.56 27.13
C GLY A 474 17.24 -34.13 27.52
N GLU A 475 16.90 -33.18 26.65
CA GLU A 475 17.01 -31.77 26.99
C GLU A 475 16.24 -30.99 25.95
N TYR A 476 15.91 -29.74 26.30
CA TYR A 476 15.32 -28.82 25.33
C TYR A 476 15.69 -27.37 25.70
N THR A 477 15.60 -26.51 24.70
CA THR A 477 16.02 -25.12 24.79
C THR A 477 15.03 -24.26 24.03
N SER A 478 14.51 -23.22 24.68
CA SER A 478 13.70 -22.22 24.00
C SER A 478 14.60 -21.19 23.31
N PHE A 479 14.08 -20.53 22.28
CA PHE A 479 14.78 -19.44 21.60
C PHE A 479 13.84 -18.24 21.47
N LEU A 480 14.44 -17.06 21.32
CA LEU A 480 13.72 -15.81 21.16
C LEU A 480 14.38 -14.97 20.06
N ALA A 481 13.57 -14.13 19.42
CA ALA A 481 13.98 -13.20 18.38
C ALA A 481 13.01 -12.02 18.32
N PRO A 482 13.54 -10.79 18.35
CA PRO A 482 12.68 -9.63 18.16
C PRO A 482 12.13 -9.59 16.74
N ILE A 483 10.88 -9.14 16.61
CA ILE A 483 10.21 -9.02 15.33
C ILE A 483 9.46 -7.70 15.25
N SER A 484 9.33 -7.19 14.02
CA SER A 484 8.43 -6.11 13.69
C SER A 484 7.26 -6.70 12.92
N SER A 485 6.05 -6.29 13.31
CA SER A 485 4.83 -6.57 12.55
C SER A 485 3.68 -5.72 13.06
N SER A 486 3.45 -4.57 12.43
CA SER A 486 2.31 -3.75 12.81
C SER A 486 1.00 -4.50 12.62
N LYS A 487 0.95 -5.43 11.67
CA LYS A 487 -0.25 -6.24 11.49
C LYS A 487 -0.53 -7.08 12.74
N LEU A 488 0.46 -7.83 13.20
CA LEU A 488 0.27 -8.68 14.36
C LEU A 488 -0.01 -7.86 15.61
N TYR A 489 0.71 -6.74 15.78
CA TYR A 489 0.41 -5.83 16.88
C TYR A 489 -1.07 -5.45 16.91
N ASN A 490 -1.62 -5.12 15.75
CA ASN A 490 -3.03 -4.76 15.69
C ASN A 490 -3.93 -5.96 15.99
N GLU A 491 -3.55 -7.14 15.53
CA GLU A 491 -4.33 -8.33 15.85
C GLU A 491 -4.39 -8.55 17.35
N VAL A 492 -3.25 -8.44 18.03
CA VAL A 492 -3.26 -8.57 19.49
C VAL A 492 -4.15 -7.48 20.09
N ARG A 493 -3.91 -6.23 19.70
CA ARG A 493 -4.70 -5.10 20.20
C ARG A 493 -6.20 -5.38 20.15
N ALA A 494 -6.67 -6.01 19.07
CA ALA A 494 -8.10 -6.23 18.92
C ALA A 494 -8.61 -7.37 19.79
N CYS A 495 -7.77 -7.98 20.62
CA CYS A 495 -8.20 -9.05 21.51
C CYS A 495 -8.63 -8.52 22.87
N ARG A 496 -9.17 -7.30 22.92
CA ARG A 496 -9.72 -6.83 24.18
C ARG A 496 -11.03 -7.54 24.50
N GLU A 497 -11.20 -7.92 25.77
CA GLU A 497 -12.43 -8.55 26.22
C GLU A 497 -13.08 -7.76 27.36
N LYS A 498 -14.39 -7.99 27.54
CA LYS A 498 -15.23 -7.10 28.33
C LYS A 498 -14.87 -7.09 29.81
N ASP A 499 -14.59 -8.25 30.38
CA ASP A 499 -14.59 -8.31 31.84
C ASP A 499 -13.20 -8.61 32.35
N ARG A 500 -12.20 -7.91 31.84
CA ARG A 500 -10.82 -8.10 32.26
C ARG A 500 -10.02 -6.84 31.97
N ASP A 501 -8.81 -6.83 32.48
CA ASP A 501 -7.89 -5.73 32.23
C ASP A 501 -7.88 -5.41 30.73
N PRO A 502 -8.04 -4.14 30.35
CA PRO A 502 -8.14 -3.81 28.91
C PRO A 502 -6.84 -3.97 28.15
N GLU A 503 -5.73 -4.21 28.85
CA GLU A 503 -4.44 -4.47 28.23
C GLU A 503 -3.96 -5.90 28.46
N ALA A 504 -4.84 -6.78 28.96
CA ALA A 504 -4.44 -8.16 29.24
C ALA A 504 -3.97 -8.88 27.99
N GLN A 505 -4.55 -8.54 26.83
CA GLN A 505 -4.16 -9.24 25.60
C GLN A 505 -2.66 -9.11 25.31
N PHE A 506 -2.03 -8.06 25.81
CA PHE A 506 -0.60 -7.85 25.51
C PHE A 506 0.30 -8.55 26.50
N GLU A 507 -0.26 -9.17 27.54
CA GLU A 507 0.50 -9.82 28.59
C GLU A 507 0.34 -11.33 28.54
N MET A 508 0.22 -11.87 27.32
CA MET A 508 0.06 -13.29 27.18
C MET A 508 0.60 -13.71 25.83
N PRO A 509 1.19 -14.90 25.73
CA PRO A 509 1.72 -15.37 24.45
C PRO A 509 0.61 -15.98 23.59
N TYR A 510 0.87 -16.01 22.29
CA TYR A 510 -0.01 -16.63 21.31
C TYR A 510 0.77 -17.58 20.42
N VAL A 511 0.19 -18.75 20.17
CA VAL A 511 0.73 -19.60 19.12
C VAL A 511 0.22 -19.07 17.79
N VAL A 512 1.12 -18.88 16.83
CA VAL A 512 0.73 -18.28 15.56
C VAL A 512 1.76 -18.65 14.50
N ARG A 513 1.25 -18.98 13.30
CA ARG A 513 2.07 -19.17 12.11
C ARG A 513 2.48 -17.80 11.57
N LEU A 514 3.48 -17.20 12.21
CA LEU A 514 4.00 -15.89 11.83
C LEU A 514 4.25 -15.83 10.33
N HIS A 515 3.71 -14.79 9.70
CA HIS A 515 3.78 -14.66 8.25
C HIS A 515 4.17 -13.25 7.81
N ASN A 516 3.32 -12.27 8.09
CA ASN A 516 3.62 -10.88 7.73
C ASN A 516 4.38 -10.26 8.89
N PHE A 517 5.70 -10.44 8.88
CA PHE A 517 6.54 -9.92 9.95
C PHE A 517 7.98 -9.78 9.46
N HIS A 518 8.77 -9.08 10.26
CA HIS A 518 10.19 -8.88 10.01
C HIS A 518 10.94 -9.34 11.25
N GLN A 519 11.76 -10.36 11.11
CA GLN A 519 12.65 -10.77 12.19
C GLN A 519 13.85 -9.83 12.24
N LEU A 520 14.14 -9.31 13.44
CA LEU A 520 15.05 -8.18 13.59
C LEU A 520 16.45 -8.60 14.03
N SER A 521 16.61 -9.79 14.57
CA SER A 521 17.94 -10.27 14.94
C SER A 521 17.88 -11.80 15.02
N ALA A 522 19.05 -12.44 14.98
CA ALA A 522 19.08 -13.88 14.94
C ALA A 522 18.54 -14.44 16.27
N PRO A 523 17.67 -15.45 16.24
CA PRO A 523 17.17 -15.98 17.51
C PRO A 523 18.32 -16.47 18.39
N GLN A 524 18.13 -16.30 19.69
CA GLN A 524 19.14 -16.71 20.67
C GLN A 524 18.50 -17.54 21.77
N PRO A 525 19.28 -18.42 22.40
CA PRO A 525 18.71 -19.34 23.39
C PRO A 525 18.24 -18.60 24.63
N CYS A 526 17.12 -19.10 25.18
CA CYS A 526 16.52 -18.46 26.35
C CYS A 526 16.62 -19.41 27.54
N PHE A 527 15.76 -20.43 27.59
CA PHE A 527 15.67 -21.36 28.71
C PHE A 527 15.95 -22.78 28.24
N THR A 528 16.77 -23.52 29.03
CA THR A 528 17.15 -24.90 28.75
C THR A 528 16.85 -25.80 29.95
N PHE A 529 16.46 -27.04 29.68
CA PHE A 529 16.17 -28.03 30.71
C PHE A 529 16.73 -29.37 30.27
N SER A 530 17.27 -30.09 31.25
CA SER A 530 17.84 -31.41 31.05
C SER A 530 17.13 -32.45 31.92
N HIS A 531 17.04 -33.68 31.42
CA HIS A 531 16.34 -34.77 32.12
C HIS A 531 17.10 -36.06 31.85
N PRO A 532 17.38 -36.87 32.88
CA PRO A 532 16.95 -36.62 34.26
C PRO A 532 17.74 -35.47 34.87
N ASN A 533 17.19 -34.82 35.89
CA ASN A 533 17.84 -33.67 36.51
C ASN A 533 18.46 -34.19 37.80
N ARG A 534 19.73 -34.60 37.69
CA ARG A 534 20.45 -35.20 38.82
C ARG A 534 20.62 -34.20 39.96
N ASP A 535 20.65 -32.92 39.64
CA ASP A 535 20.87 -31.84 40.61
C ASP A 535 20.07 -32.07 41.89
N PRO A 536 20.68 -31.83 43.05
CA PRO A 536 19.96 -32.03 44.31
C PRO A 536 19.08 -30.87 44.70
N MET A 537 19.30 -29.69 44.12
CA MET A 537 18.51 -28.49 44.40
C MET A 537 17.83 -28.09 43.11
N ILE A 538 16.74 -28.78 42.77
CA ILE A 538 16.01 -28.49 41.54
C ILE A 538 15.25 -27.18 41.70
N ASP A 539 15.53 -26.22 40.81
CA ASP A 539 14.77 -24.98 40.73
C ASP A 539 14.46 -24.70 39.27
N ASN A 540 13.19 -24.74 38.89
CA ASN A 540 12.87 -24.53 37.48
C ASN A 540 12.53 -23.08 37.14
N ASN A 541 12.63 -22.16 38.10
CA ASN A 541 12.53 -20.76 37.78
C ASN A 541 13.75 -20.31 36.97
N ARG A 542 13.58 -19.24 36.19
CA ARG A 542 14.63 -18.82 35.29
C ARG A 542 14.60 -17.31 35.11
N TYR A 543 15.80 -16.74 34.92
CA TYR A 543 15.98 -15.31 34.65
C TYR A 543 17.08 -15.16 33.61
N CYS A 544 16.74 -14.63 32.43
CA CYS A 544 17.65 -14.54 31.30
C CYS A 544 17.59 -13.13 30.71
N THR A 545 18.78 -12.57 30.44
CA THR A 545 18.92 -11.28 29.75
C THR A 545 19.58 -11.49 28.40
N LEU A 546 18.94 -10.99 27.34
CA LEU A 546 19.41 -11.17 25.96
C LEU A 546 19.64 -9.83 25.27
N GLU A 547 20.63 -9.79 24.38
CA GLU A 547 21.00 -8.59 23.66
C GLU A 547 21.02 -8.88 22.17
N PHE A 548 20.08 -8.26 21.43
CA PHE A 548 19.93 -8.50 20.01
C PHE A 548 20.48 -7.34 19.18
N PRO A 549 21.59 -7.52 18.48
CA PRO A 549 22.03 -6.47 17.55
C PRO A 549 21.02 -6.26 16.45
N VAL A 550 20.67 -5.00 16.20
CA VAL A 550 19.74 -4.65 15.14
C VAL A 550 20.45 -3.71 14.17
N GLU A 551 20.49 -4.12 12.90
CA GLU A 551 21.15 -3.40 11.83
C GLU A 551 20.15 -2.67 10.92
N VAL A 552 18.89 -2.51 11.35
CA VAL A 552 17.92 -1.77 10.55
C VAL A 552 17.18 -0.76 11.40
N ASN A 553 16.65 0.28 10.73
CA ASN A 553 15.62 1.12 11.31
C ASN A 553 14.31 0.33 11.32
N THR A 554 13.58 0.37 12.43
CA THR A 554 12.40 -0.49 12.51
C THR A 554 11.59 -0.12 13.76
N VAL A 555 10.50 -0.87 13.98
CA VAL A 555 9.66 -0.76 15.17
C VAL A 555 9.46 -2.16 15.78
N LEU A 556 9.69 -2.25 17.07
CA LEU A 556 9.56 -3.50 17.80
C LEU A 556 8.15 -3.66 18.35
N HIS A 557 7.56 -4.84 18.09
CA HIS A 557 6.22 -5.18 18.50
C HIS A 557 6.10 -6.47 19.33
N GLY A 558 7.17 -7.23 19.52
CA GLY A 558 7.09 -8.49 20.23
C GLY A 558 8.31 -9.36 19.94
N PHE A 559 8.27 -10.57 20.50
CA PHE A 559 9.35 -11.54 20.34
C PHE A 559 8.80 -12.89 19.88
N ALA A 560 9.34 -13.39 18.77
CA ALA A 560 9.03 -14.74 18.31
C ALA A 560 9.76 -15.75 19.18
N GLY A 561 9.08 -16.83 19.53
CA GLY A 561 9.65 -17.90 20.33
C GLY A 561 9.67 -19.21 19.57
N TYR A 562 10.78 -19.94 19.68
CA TYR A 562 10.86 -21.27 19.09
C TYR A 562 11.47 -22.24 20.11
N PHE A 563 11.75 -23.47 19.69
CA PHE A 563 12.48 -24.38 20.57
C PHE A 563 13.21 -25.41 19.74
N GLU A 564 14.20 -26.04 20.37
CA GLU A 564 14.86 -27.23 19.88
C GLU A 564 14.88 -28.26 21.01
N THR A 565 14.93 -29.54 20.64
CA THR A 565 15.01 -30.57 21.66
C THR A 565 15.87 -31.70 21.13
N VAL A 566 16.72 -32.24 22.00
CA VAL A 566 17.47 -33.47 21.75
C VAL A 566 16.60 -34.62 22.25
N LEU A 567 16.18 -35.49 21.33
CA LEU A 567 15.48 -36.71 21.72
C LEU A 567 16.45 -37.74 22.26
N TYR A 568 17.60 -37.86 21.61
CA TYR A 568 18.67 -38.76 22.02
C TYR A 568 19.88 -38.51 21.13
N GLN A 569 21.00 -38.14 21.74
CA GLN A 569 22.24 -37.95 20.99
C GLN A 569 22.06 -36.96 19.85
N ASP A 570 22.12 -37.44 18.61
CA ASP A 570 22.03 -36.58 17.43
C ASP A 570 20.63 -36.48 16.86
N ILE A 571 19.67 -37.25 17.39
CA ILE A 571 18.29 -37.19 16.89
C ILE A 571 17.57 -36.05 17.58
N THR A 572 17.04 -35.12 16.80
CA THR A 572 16.49 -33.90 17.38
C THR A 572 15.17 -33.54 16.70
N LEU A 573 14.44 -32.65 17.37
CA LEU A 573 13.32 -31.92 16.80
C LEU A 573 13.60 -30.43 16.97
N SER A 574 13.23 -29.65 15.96
CA SER A 574 13.45 -28.21 16.00
C SER A 574 12.42 -27.48 15.14
N ILE A 575 11.86 -26.40 15.70
CA ILE A 575 11.12 -25.43 14.90
C ILE A 575 11.85 -24.10 14.82
N ARG A 576 13.06 -24.00 15.38
CA ARG A 576 13.89 -22.83 15.18
C ARG A 576 14.22 -22.74 13.71
N PRO A 577 13.91 -21.63 13.03
CA PRO A 577 14.01 -21.63 11.56
C PRO A 577 15.37 -22.08 11.05
N GLU A 578 16.47 -21.60 11.65
CA GLU A 578 17.75 -21.92 11.03
C GLU A 578 18.10 -23.41 11.15
N THR A 579 17.39 -24.16 12.01
CA THR A 579 17.61 -25.60 12.18
C THR A 579 16.30 -26.39 12.13
N HIS A 580 15.27 -25.83 11.50
CA HIS A 580 13.95 -26.46 11.49
C HIS A 580 14.05 -27.89 10.99
N SER A 581 13.40 -28.82 11.68
CA SER A 581 13.38 -30.20 11.21
C SER A 581 12.67 -30.20 9.87
N PRO A 582 13.31 -30.67 8.80
CA PRO A 582 12.67 -30.61 7.49
C PRO A 582 11.48 -31.56 7.40
N GLY A 583 10.35 -31.03 6.99
CA GLY A 583 9.16 -31.83 6.77
C GLY A 583 8.27 -32.02 7.98
N MET A 584 8.60 -31.42 9.12
CA MET A 584 7.79 -31.55 10.33
C MET A 584 6.74 -30.45 10.37
N PHE A 585 5.47 -30.85 10.52
CA PHE A 585 4.38 -29.88 10.58
C PHE A 585 4.05 -29.42 11.98
N SER A 586 4.42 -30.19 13.00
CA SER A 586 3.98 -29.89 14.35
C SER A 586 4.66 -28.64 14.87
N TRP A 587 3.87 -27.81 15.56
CA TRP A 587 4.34 -26.65 16.30
C TRP A 587 4.61 -25.44 15.41
N PHE A 588 3.68 -24.51 15.46
CA PHE A 588 3.88 -23.16 15.01
C PHE A 588 4.70 -22.41 16.06
N PRO A 589 5.31 -21.29 15.66
CA PRO A 589 6.01 -20.46 16.64
C PRO A 589 5.02 -19.79 17.58
N ILE A 590 5.58 -19.19 18.61
CA ILE A 590 4.80 -18.52 19.63
C ILE A 590 5.21 -17.05 19.59
N LEU A 591 4.32 -16.19 20.10
CA LEU A 591 4.52 -14.74 20.03
C LEU A 591 4.27 -14.15 21.40
N PHE A 592 5.28 -13.47 21.93
CA PHE A 592 5.17 -12.67 23.13
C PHE A 592 5.06 -11.21 22.68
N PRO A 593 3.95 -10.51 22.94
CA PRO A 593 3.83 -9.13 22.49
C PRO A 593 4.32 -8.15 23.54
N ILE A 594 4.35 -6.85 23.19
CA ILE A 594 4.57 -5.79 24.15
C ILE A 594 3.50 -4.72 23.96
N LYS A 595 3.14 -4.06 25.07
CA LYS A 595 2.00 -3.15 25.07
C LYS A 595 2.23 -1.97 24.14
N GLN A 596 3.47 -1.48 24.07
CA GLN A 596 3.73 -0.28 23.28
C GLN A 596 4.87 -0.52 22.30
N PRO A 597 4.67 -0.28 21.01
CA PRO A 597 5.76 -0.39 20.04
C PRO A 597 6.95 0.44 20.46
N ILE A 598 8.14 -0.04 20.10
CA ILE A 598 9.39 0.61 20.47
C ILE A 598 10.19 0.89 19.21
N THR A 599 10.53 2.16 19.01
CA THR A 599 11.36 2.55 17.88
C THR A 599 12.79 2.05 18.09
N VAL A 600 13.36 1.47 17.03
CA VAL A 600 14.75 1.02 17.05
C VAL A 600 15.45 1.55 15.81
N ARG A 601 16.60 2.22 16.01
CA ARG A 601 17.42 2.77 14.95
C ARG A 601 18.51 1.78 14.53
N GLU A 602 19.02 1.98 13.31
CA GLU A 602 20.11 1.17 12.80
C GLU A 602 21.28 1.16 13.79
N GLY A 603 21.78 -0.04 14.09
CA GLY A 603 22.97 -0.18 14.92
C GLY A 603 22.70 -0.22 16.40
N GLN A 604 21.46 -0.11 16.81
CA GLN A 604 21.11 -0.19 18.21
C GLN A 604 20.91 -1.63 18.64
N THR A 605 20.92 -1.83 19.95
CA THR A 605 20.79 -3.14 20.56
C THR A 605 19.47 -3.22 21.29
N ILE A 606 18.69 -4.27 21.00
CA ILE A 606 17.48 -4.57 21.76
C ILE A 606 17.87 -5.48 22.91
N CYS A 607 17.66 -5.01 24.13
CA CYS A 607 17.84 -5.84 25.31
C CYS A 607 16.45 -6.19 25.84
N VAL A 608 16.20 -7.50 25.97
CA VAL A 608 14.95 -8.02 26.54
C VAL A 608 15.31 -8.93 27.69
N ARG A 609 14.41 -8.99 28.66
CA ARG A 609 14.61 -9.79 29.85
C ARG A 609 13.41 -10.73 29.98
N PHE A 610 13.66 -12.02 30.26
CA PHE A 610 12.57 -12.97 30.46
C PHE A 610 12.76 -13.69 31.77
N TRP A 611 11.65 -13.85 32.50
CA TRP A 611 11.59 -14.64 33.72
C TRP A 611 10.65 -15.82 33.54
N ARG A 612 11.03 -16.96 34.15
CA ARG A 612 10.14 -18.08 34.34
C ARG A 612 9.87 -18.18 35.84
N CYS A 613 8.62 -18.01 36.22
CA CYS A 613 8.21 -17.85 37.60
C CYS A 613 7.23 -18.96 37.97
N SER A 614 7.07 -19.17 39.27
CA SER A 614 6.16 -20.23 39.66
C SER A 614 5.78 -20.06 41.12
N ASN A 615 4.60 -20.63 41.46
CA ASN A 615 4.30 -21.01 42.83
C ASN A 615 3.81 -22.47 42.82
N SER A 616 3.25 -22.94 43.95
CA SER A 616 2.81 -24.33 44.02
C SER A 616 1.65 -24.64 43.07
N LYS A 617 0.94 -23.63 42.58
CA LYS A 617 -0.24 -23.87 41.76
C LYS A 617 -0.05 -23.55 40.28
N LYS A 618 0.85 -22.61 39.94
CA LYS A 618 0.96 -22.06 38.59
C LYS A 618 2.41 -21.77 38.24
N VAL A 619 2.69 -21.81 36.94
CA VAL A 619 3.94 -21.33 36.35
C VAL A 619 3.58 -20.26 35.33
N TRP A 620 4.45 -19.26 35.19
CA TRP A 620 4.19 -18.24 34.17
C TRP A 620 5.50 -17.61 33.71
N TYR A 621 5.38 -16.72 32.72
CA TYR A 621 6.47 -15.91 32.20
C TYR A 621 6.19 -14.43 32.48
N GLU A 622 7.26 -13.69 32.77
CA GLU A 622 7.23 -12.23 32.76
C GLU A 622 8.35 -11.78 31.84
N TRP A 623 8.20 -10.60 31.22
CA TRP A 623 9.22 -10.13 30.29
C TRP A 623 9.27 -8.60 30.28
N ALA A 624 10.42 -8.09 29.81
CA ALA A 624 10.63 -6.65 29.78
C ALA A 624 11.73 -6.30 28.79
N VAL A 625 11.53 -5.17 28.10
CA VAL A 625 12.56 -4.56 27.28
C VAL A 625 13.26 -3.50 28.11
N THR A 626 14.60 -3.50 28.09
CA THR A 626 15.38 -2.55 28.86
C THR A 626 16.32 -1.69 28.02
N ALA A 627 16.46 -1.98 26.72
CA ALA A 627 17.20 -1.15 25.79
C ALA A 627 16.61 -1.36 24.40
N PRO A 628 16.59 -0.33 23.55
CA PRO A 628 17.09 1.03 23.80
C PRO A 628 16.18 1.89 24.68
N VAL A 629 14.98 1.39 25.00
CA VAL A 629 14.06 2.01 25.96
C VAL A 629 13.48 0.91 26.83
N CYS A 630 13.07 1.25 28.06
CA CYS A 630 12.43 0.29 28.95
C CYS A 630 10.93 0.24 28.69
N SER A 631 10.41 -0.98 28.59
CA SER A 631 8.98 -1.18 28.69
C SER A 631 8.59 -1.47 30.13
N ALA A 632 7.28 -1.58 30.34
CA ALA A 632 6.76 -2.13 31.57
C ALA A 632 7.11 -3.61 31.68
N ILE A 633 7.26 -4.10 32.90
CA ILE A 633 7.28 -5.54 33.13
C ILE A 633 5.91 -6.12 32.76
N HIS A 634 5.90 -7.05 31.80
CA HIS A 634 4.68 -7.67 31.35
C HIS A 634 4.38 -8.92 32.19
N ASN A 635 3.09 -9.13 32.46
CA ASN A 635 2.51 -10.24 33.20
C ASN A 635 3.06 -10.39 34.61
N PRO A 636 3.23 -9.29 35.35
CA PRO A 636 3.72 -9.40 36.74
C PRO A 636 2.80 -10.27 37.58
N THR A 637 3.38 -11.24 38.28
CA THR A 637 2.67 -12.13 39.18
C THR A 637 1.64 -12.98 38.43
N GLY A 638 1.81 -13.09 37.11
CA GLY A 638 0.86 -13.80 36.27
C GLY A 638 -0.54 -13.21 36.25
N ARG A 639 -0.65 -11.88 36.39
CA ARG A 639 -1.98 -11.30 36.53
C ARG A 639 -2.83 -11.51 35.29
N SER A 640 -2.21 -11.73 34.13
CA SER A 640 -2.94 -11.90 32.86
C SER A 640 -2.83 -13.30 32.28
N TYR A 641 -1.82 -14.06 32.67
CA TYR A 641 -1.56 -15.34 32.04
C TYR A 641 -0.82 -16.25 33.01
N THR A 642 -1.41 -17.41 33.32
CA THR A 642 -0.73 -18.44 34.07
C THR A 642 -0.94 -19.79 33.42
N ILE A 643 -0.04 -20.71 33.73
CA ILE A 643 -0.06 -22.09 33.25
C ILE A 643 -0.28 -23.00 34.45
N GLY A 644 -1.37 -23.76 34.42
CA GLY A 644 -1.83 -24.47 35.62
C GLY A 644 -1.01 -25.73 35.86
N LEU A 645 -0.67 -25.94 37.13
CA LEU A 645 0.07 -27.13 37.55
C LEU A 645 -0.90 -28.21 38.00
N LEU B 27 -26.53 23.90 -36.66
CA LEU B 27 -26.65 22.45 -36.55
C LEU B 27 -25.85 21.73 -37.63
N PRO B 28 -24.55 22.00 -37.72
CA PRO B 28 -23.74 21.44 -38.81
C PRO B 28 -23.70 19.93 -38.75
N PRO B 29 -23.16 19.27 -39.78
CA PRO B 29 -23.15 17.81 -39.79
C PRO B 29 -22.16 17.25 -38.79
N ASN B 30 -22.51 16.07 -38.25
CA ASN B 30 -21.67 15.40 -37.26
C ASN B 30 -21.29 16.33 -36.11
N ALA B 31 -22.15 17.30 -35.83
CA ALA B 31 -21.97 18.20 -34.70
C ALA B 31 -22.99 17.86 -33.62
N PRO B 32 -22.57 17.75 -32.37
CA PRO B 32 -23.49 17.35 -31.31
C PRO B 32 -24.56 18.40 -31.09
N ALA B 33 -25.79 17.94 -30.89
CA ALA B 33 -26.91 18.85 -30.67
C ALA B 33 -26.80 19.60 -29.35
N CYS B 34 -26.06 19.07 -28.39
CA CYS B 34 -25.91 19.68 -27.07
C CYS B 34 -24.45 19.88 -26.75
N MET B 35 -24.10 21.07 -26.29
CA MET B 35 -22.75 21.38 -25.84
C MET B 35 -22.67 21.16 -24.35
N GLU B 36 -21.55 20.60 -23.89
CA GLU B 36 -21.42 20.33 -22.47
C GLU B 36 -21.47 21.64 -21.68
N ARG B 37 -21.78 21.51 -20.39
CA ARG B 37 -21.98 22.68 -19.55
C ARG B 37 -20.67 23.42 -19.28
N GLN B 38 -19.63 22.68 -18.88
CA GLN B 38 -18.45 23.29 -18.26
C GLN B 38 -17.47 23.74 -19.34
N LEU B 39 -17.62 24.99 -19.78
CA LEU B 39 -16.77 25.58 -20.80
C LEU B 39 -15.35 25.78 -20.26
N GLU B 40 -14.37 25.23 -20.98
CA GLU B 40 -13.00 25.17 -20.47
C GLU B 40 -11.99 26.02 -21.22
N ALA B 41 -12.27 26.40 -22.47
CA ALA B 41 -11.30 27.10 -23.30
C ALA B 41 -12.04 28.00 -24.31
N ALA B 42 -11.39 29.10 -24.65
CA ALA B 42 -11.88 30.02 -25.68
C ALA B 42 -10.69 30.74 -26.28
N ARG B 43 -10.49 30.63 -27.59
CA ARG B 43 -9.33 31.22 -28.24
C ARG B 43 -9.72 31.77 -29.61
N TYR B 44 -9.48 33.05 -29.84
CA TYR B 44 -9.69 33.64 -31.16
C TYR B 44 -8.54 33.27 -32.09
N ARG B 45 -8.82 33.25 -33.39
CA ARG B 45 -7.80 33.04 -34.40
C ARG B 45 -7.64 34.32 -35.22
N SER B 46 -6.85 34.25 -36.29
CA SER B 46 -6.53 35.45 -37.04
C SER B 46 -7.80 36.18 -37.47
N ASP B 47 -8.66 35.49 -38.21
CA ASP B 47 -9.81 36.15 -38.80
C ASP B 47 -10.89 36.48 -37.78
N GLY B 48 -10.77 36.02 -36.54
CA GLY B 48 -11.72 36.36 -35.50
C GLY B 48 -12.74 35.28 -35.16
N ALA B 49 -12.71 34.15 -35.86
CA ALA B 49 -13.51 33.00 -35.48
C ALA B 49 -13.12 32.53 -34.09
N LEU B 50 -14.11 32.06 -33.31
CA LEU B 50 -13.91 31.66 -31.93
C LEU B 50 -13.92 30.15 -31.80
N LEU B 51 -12.88 29.62 -31.16
CA LEU B 51 -12.76 28.19 -30.86
C LEU B 51 -13.14 27.96 -29.40
N LEU B 52 -14.10 27.05 -29.19
CA LEU B 52 -14.58 26.70 -27.85
C LEU B 52 -14.23 25.26 -27.50
N GLY B 53 -13.85 25.04 -26.24
CA GLY B 53 -13.65 23.71 -25.72
C GLY B 53 -14.52 23.49 -24.49
N ALA B 54 -15.21 22.34 -24.43
CA ALA B 54 -16.18 22.08 -23.38
C ALA B 54 -15.96 20.70 -22.80
N SER B 55 -16.24 20.56 -21.51
CA SER B 55 -16.16 19.29 -20.82
C SER B 55 -17.48 19.05 -20.08
N SER B 56 -17.87 17.78 -19.98
CA SER B 56 -18.97 17.37 -19.10
C SER B 56 -18.32 16.81 -17.83
N LEU B 57 -18.38 17.60 -16.76
CA LEU B 57 -17.69 17.27 -15.52
C LEU B 57 -18.61 16.67 -14.45
N SER B 58 -19.90 16.54 -14.76
CA SER B 58 -20.82 15.82 -13.90
C SER B 58 -21.89 15.20 -14.78
N GLY B 59 -22.65 14.29 -14.21
CA GLY B 59 -23.68 13.60 -14.97
C GLY B 59 -23.23 12.22 -15.39
N ARG B 60 -24.09 11.56 -16.17
CA ARG B 60 -23.84 10.18 -16.58
C ARG B 60 -22.55 10.07 -17.40
N CYS B 61 -22.42 10.92 -18.43
N CYS B 61 -22.41 10.91 -18.42
CA CYS B 61 -21.31 10.85 -19.38
CA CYS B 61 -21.30 10.84 -19.36
C CYS B 61 -20.34 11.99 -19.12
C CYS B 61 -20.33 11.99 -19.11
N TRP B 62 -19.05 11.65 -18.98
CA TRP B 62 -17.99 12.62 -18.74
C TRP B 62 -17.14 12.72 -20.00
N ALA B 63 -17.62 13.50 -20.97
CA ALA B 63 -16.84 13.63 -22.20
C ALA B 63 -16.50 15.09 -22.47
N GLY B 64 -16.45 15.46 -23.76
CA GLY B 64 -16.13 16.81 -24.14
C GLY B 64 -16.39 17.01 -25.62
N SER B 65 -16.02 18.20 -26.11
CA SER B 65 -16.43 18.60 -27.45
C SER B 65 -15.63 19.81 -27.87
N LEU B 66 -15.55 20.00 -29.19
CA LEU B 66 -14.82 21.11 -29.80
C LEU B 66 -15.77 21.87 -30.72
N TRP B 67 -15.62 23.20 -30.77
CA TRP B 67 -16.55 24.04 -31.50
C TRP B 67 -15.83 25.20 -32.16
N LEU B 68 -16.38 25.64 -33.29
CA LEU B 68 -15.90 26.82 -34.00
C LEU B 68 -17.10 27.73 -34.27
N PHE B 69 -16.99 28.98 -33.83
CA PHE B 69 -18.01 30.02 -34.03
C PHE B 69 -17.41 31.15 -34.85
N LYS B 70 -17.76 31.20 -36.14
CA LYS B 70 -17.40 32.34 -36.96
C LYS B 70 -18.18 33.59 -36.57
N ASP B 71 -19.26 33.43 -35.81
CA ASP B 71 -19.98 34.53 -35.19
C ASP B 71 -19.82 34.42 -33.68
N PRO B 72 -18.88 35.14 -33.07
CA PRO B 72 -18.65 34.98 -31.61
C PRO B 72 -19.81 35.45 -30.76
N CYS B 73 -20.75 36.20 -31.31
CA CYS B 73 -21.93 36.59 -30.56
C CYS B 73 -22.97 35.48 -30.47
N ALA B 74 -22.92 34.50 -31.38
CA ALA B 74 -23.86 33.39 -31.36
C ALA B 74 -23.49 32.34 -30.33
N ALA B 75 -22.27 32.38 -29.80
CA ALA B 75 -21.86 31.39 -28.83
C ALA B 75 -22.52 31.66 -27.48
N PRO B 76 -22.69 30.63 -26.64
CA PRO B 76 -22.36 29.25 -26.97
C PRO B 76 -23.54 28.45 -27.56
N ASN B 77 -24.42 29.10 -28.31
CA ASN B 77 -25.59 28.41 -28.88
C ASN B 77 -25.15 27.40 -29.94
N GLU B 78 -25.61 26.16 -29.81
CA GLU B 78 -25.14 25.12 -30.72
C GLU B 78 -25.75 25.26 -32.11
N GLY B 79 -26.98 25.76 -32.21
CA GLY B 79 -27.64 25.82 -33.51
C GLY B 79 -27.07 26.86 -34.45
N PHE B 80 -26.27 27.79 -33.92
CA PHE B 80 -25.71 28.85 -34.72
C PHE B 80 -24.18 28.82 -34.69
N CYS B 81 -23.60 27.62 -34.76
CA CYS B 81 -22.16 27.45 -34.84
C CYS B 81 -21.74 27.11 -36.26
N SER B 82 -20.44 27.26 -36.51
CA SER B 82 -19.81 26.93 -37.79
C SER B 82 -19.37 25.46 -37.85
N ALA B 83 -18.85 24.92 -36.75
CA ALA B 83 -18.48 23.50 -36.73
C ALA B 83 -18.42 23.01 -35.29
N GLY B 84 -18.55 21.69 -35.14
CA GLY B 84 -18.58 21.07 -33.83
C GLY B 84 -18.36 19.56 -33.86
N VAL B 85 -17.66 19.02 -32.87
CA VAL B 85 -17.42 17.58 -32.80
C VAL B 85 -17.25 17.13 -31.36
N GLN B 86 -17.50 15.85 -31.14
CA GLN B 86 -17.41 15.27 -29.81
C GLN B 86 -16.08 14.56 -29.65
N THR B 87 -15.50 14.71 -28.46
CA THR B 87 -14.31 13.97 -28.07
C THR B 87 -14.69 12.80 -27.17
N GLU B 88 -13.79 11.83 -27.08
CA GLU B 88 -14.02 10.66 -26.23
C GLU B 88 -14.02 11.04 -24.76
N ALA B 89 -13.19 12.00 -24.37
CA ALA B 89 -13.12 12.42 -22.97
C ALA B 89 -13.13 13.94 -22.85
N GLY B 90 -12.96 14.42 -21.62
CA GLY B 90 -13.05 15.84 -21.36
C GLY B 90 -11.87 16.60 -21.91
N VAL B 91 -12.08 17.90 -22.03
CA VAL B 91 -11.08 18.82 -22.56
C VAL B 91 -10.54 19.62 -21.39
N ALA B 92 -9.32 19.32 -20.97
CA ALA B 92 -8.70 20.07 -19.89
C ALA B 92 -7.97 21.30 -20.40
N ASP B 93 -7.53 21.28 -21.66
CA ASP B 93 -6.87 22.43 -22.25
C ASP B 93 -6.86 22.23 -23.76
N LEU B 94 -6.59 23.32 -24.47
CA LEU B 94 -6.44 23.28 -25.93
C LEU B 94 -5.67 24.52 -26.37
N THR B 95 -5.36 24.56 -27.67
CA THR B 95 -4.78 25.74 -28.29
C THR B 95 -4.84 25.57 -29.79
N TRP B 96 -4.82 26.69 -30.50
CA TRP B 96 -4.76 26.65 -31.96
C TRP B 96 -3.41 26.11 -32.41
N VAL B 97 -3.42 25.41 -33.54
CA VAL B 97 -2.17 25.11 -34.23
C VAL B 97 -2.23 25.70 -35.63
N GLY B 98 -1.97 27.00 -35.73
CA GLY B 98 -2.10 27.71 -36.99
C GLY B 98 -3.50 28.28 -37.14
N GLU B 99 -4.15 27.95 -38.24
CA GLU B 99 -5.50 28.43 -38.52
C GLU B 99 -6.52 27.33 -38.69
N ARG B 100 -6.09 26.08 -38.93
CA ARG B 100 -7.01 24.96 -39.06
C ARG B 100 -6.63 23.79 -38.15
N GLY B 101 -5.76 24.00 -37.17
CA GLY B 101 -5.35 22.95 -36.25
C GLY B 101 -5.77 23.24 -34.82
N ILE B 102 -6.15 22.19 -34.09
CA ILE B 102 -6.60 22.31 -32.71
C ILE B 102 -5.94 21.22 -31.87
N LEU B 103 -5.14 21.62 -30.87
CA LEU B 103 -4.36 20.69 -30.08
C LEU B 103 -4.98 20.57 -28.68
N VAL B 104 -5.31 19.34 -28.28
CA VAL B 104 -6.18 19.10 -27.12
C VAL B 104 -5.47 18.25 -26.06
N ALA B 105 -5.54 18.72 -24.83
CA ALA B 105 -5.15 17.95 -23.65
C ALA B 105 -6.36 17.18 -23.10
N SER B 106 -6.30 15.85 -23.12
CA SER B 106 -7.47 15.06 -22.82
C SER B 106 -7.40 14.41 -21.42
N ASP B 107 -8.58 14.19 -20.84
CA ASP B 107 -8.66 13.48 -19.57
C ASP B 107 -8.08 12.09 -19.68
N SER B 108 -8.10 11.51 -20.89
CA SER B 108 -7.65 10.14 -21.17
C SER B 108 -6.14 9.95 -21.06
N GLY B 109 -5.39 11.00 -20.80
CA GLY B 109 -3.94 10.96 -20.86
C GLY B 109 -3.38 11.23 -22.24
N ALA B 110 -4.24 11.37 -23.24
CA ALA B 110 -3.82 11.48 -24.62
C ALA B 110 -3.74 12.95 -25.04
N VAL B 111 -2.83 13.21 -25.96
CA VAL B 111 -2.80 14.47 -26.68
C VAL B 111 -3.40 14.23 -28.06
N GLU B 112 -4.34 15.08 -28.44
CA GLU B 112 -5.04 14.92 -29.70
C GLU B 112 -4.81 16.13 -30.58
N LEU B 113 -4.74 15.90 -31.88
CA LEU B 113 -4.75 16.97 -32.86
C LEU B 113 -5.96 16.79 -33.75
N TRP B 114 -6.79 17.81 -33.83
CA TRP B 114 -7.89 17.87 -34.78
C TRP B 114 -7.57 18.96 -35.80
N GLU B 115 -8.18 18.84 -37.00
CA GLU B 115 -7.99 19.80 -38.09
C GLU B 115 -9.31 20.04 -38.80
N LEU B 116 -9.62 21.32 -39.03
CA LEU B 116 -10.76 21.67 -39.87
C LEU B 116 -10.55 21.19 -41.30
N ASP B 117 -11.65 20.91 -41.99
CA ASP B 117 -11.57 20.58 -43.40
C ASP B 117 -11.36 21.84 -44.23
N GLU B 118 -11.15 21.65 -45.54
CA GLU B 118 -11.01 22.79 -46.44
C GLU B 118 -12.20 23.73 -46.33
N ASN B 119 -13.41 23.17 -46.14
CA ASN B 119 -14.63 23.95 -46.06
C ASN B 119 -14.90 24.52 -44.68
N GLU B 120 -14.19 24.03 -43.65
CA GLU B 120 -14.38 24.48 -42.27
C GLU B 120 -15.78 24.18 -41.75
N THR B 121 -16.36 23.08 -42.23
CA THR B 121 -17.67 22.65 -41.77
C THR B 121 -17.60 21.41 -40.88
N LEU B 122 -16.47 20.70 -40.86
CA LEU B 122 -16.25 19.57 -39.99
C LEU B 122 -14.97 19.77 -39.19
N ILE B 123 -14.86 19.07 -38.07
CA ILE B 123 -13.65 19.05 -37.26
C ILE B 123 -13.21 17.59 -37.15
N VAL B 124 -12.25 17.20 -37.99
CA VAL B 124 -11.79 15.81 -38.09
C VAL B 124 -10.61 15.59 -37.16
N SER B 125 -10.54 14.39 -36.58
CA SER B 125 -9.40 14.02 -35.75
C SER B 125 -8.19 13.72 -36.61
N LYS B 126 -7.05 14.30 -36.25
CA LYS B 126 -5.82 14.06 -36.98
C LYS B 126 -5.00 12.93 -36.35
N PHE B 127 -4.74 13.01 -35.05
CA PHE B 127 -4.15 11.88 -34.35
C PHE B 127 -4.53 11.95 -32.87
N CYS B 128 -4.44 10.79 -32.22
CA CYS B 128 -4.80 10.63 -30.81
C CYS B 128 -3.81 9.65 -30.20
N LYS B 129 -2.81 10.19 -29.50
CA LYS B 129 -1.71 9.38 -28.96
C LYS B 129 -1.80 9.36 -27.43
N TYR B 130 -1.75 8.17 -26.85
CA TYR B 130 -1.89 8.01 -25.39
C TYR B 130 -0.49 7.85 -24.81
N GLU B 131 0.20 8.98 -24.62
CA GLU B 131 1.56 8.96 -24.10
C GLU B 131 1.68 9.37 -22.65
N HIS B 132 0.63 9.95 -22.05
CA HIS B 132 0.67 10.28 -20.64
C HIS B 132 -0.07 9.21 -19.83
N ASP B 133 0.30 9.07 -18.57
CA ASP B 133 -0.27 8.05 -17.71
C ASP B 133 -1.32 8.61 -16.76
N ASP B 134 -1.76 9.84 -16.99
CA ASP B 134 -2.77 10.49 -16.19
C ASP B 134 -3.32 11.64 -17.04
N ILE B 135 -4.19 12.45 -16.43
CA ILE B 135 -4.80 13.57 -17.15
C ILE B 135 -3.72 14.49 -17.71
N VAL B 136 -3.91 14.89 -18.98
CA VAL B 136 -3.11 15.93 -19.61
C VAL B 136 -3.78 17.28 -19.28
N SER B 137 -3.10 18.11 -18.50
CA SER B 137 -3.70 19.34 -17.99
C SER B 137 -3.37 20.59 -18.79
N THR B 138 -2.24 20.62 -19.50
CA THR B 138 -1.76 21.86 -20.12
C THR B 138 -1.00 21.54 -21.40
N VAL B 139 -1.22 22.35 -22.42
CA VAL B 139 -0.58 22.14 -23.72
C VAL B 139 -0.21 23.50 -24.32
N SER B 140 0.95 23.56 -24.98
CA SER B 140 1.42 24.81 -25.57
C SER B 140 2.22 24.57 -26.85
N VAL B 141 1.92 25.36 -27.89
CA VAL B 141 2.58 25.26 -29.18
C VAL B 141 3.83 26.14 -29.20
N LEU B 142 4.94 25.56 -29.65
CA LEU B 142 6.20 26.30 -29.70
C LEU B 142 6.24 27.27 -30.89
N SER B 143 7.24 28.15 -30.86
CA SER B 143 7.40 29.19 -31.88
C SER B 143 7.21 28.66 -33.30
N SER B 144 8.01 27.66 -33.67
CA SER B 144 8.00 27.14 -35.02
C SER B 144 6.64 26.63 -35.48
N GLY B 145 5.68 26.47 -34.57
CA GLY B 145 4.38 25.95 -34.93
C GLY B 145 4.37 24.50 -35.34
N THR B 146 5.51 23.81 -35.28
CA THR B 146 5.63 22.40 -35.64
C THR B 146 5.79 21.48 -34.44
N GLN B 147 5.92 22.05 -33.25
CA GLN B 147 6.12 21.29 -32.03
C GLN B 147 5.31 21.91 -30.92
N ALA B 148 5.01 21.09 -29.91
CA ALA B 148 4.20 21.53 -28.78
C ALA B 148 4.70 20.82 -27.55
N VAL B 149 4.42 21.42 -26.40
CA VAL B 149 4.79 20.84 -25.12
C VAL B 149 3.53 20.66 -24.28
N SER B 150 3.48 19.56 -23.54
CA SER B 150 2.32 19.20 -22.74
C SER B 150 2.77 18.84 -21.33
N GLY B 151 1.92 19.16 -20.36
CA GLY B 151 2.16 18.81 -18.98
C GLY B 151 0.99 18.04 -18.40
N SER B 152 1.27 17.06 -17.54
CA SER B 152 0.27 16.12 -17.05
C SER B 152 0.37 15.94 -15.54
N LYS B 153 -0.73 15.42 -14.97
CA LYS B 153 -0.75 15.02 -13.57
C LYS B 153 0.19 13.85 -13.28
N ASP B 154 0.67 13.16 -14.33
CA ASP B 154 1.69 12.13 -14.16
C ASP B 154 3.07 12.73 -13.89
N ILE B 155 3.19 14.06 -13.88
CA ILE B 155 4.38 14.76 -13.39
C ILE B 155 5.40 14.92 -14.53
N CYS B 156 5.07 14.41 -15.71
CA CYS B 156 5.95 14.48 -16.86
C CYS B 156 5.58 15.64 -17.79
N ILE B 157 6.58 16.07 -18.56
CA ILE B 157 6.44 17.05 -19.62
C ILE B 157 7.00 16.42 -20.89
N LYS B 158 6.27 16.54 -21.99
CA LYS B 158 6.66 15.88 -23.22
C LYS B 158 6.74 16.89 -24.36
N VAL B 159 7.74 16.71 -25.23
CA VAL B 159 7.87 17.53 -26.43
C VAL B 159 7.41 16.72 -27.62
N TRP B 160 6.55 17.31 -28.43
CA TRP B 160 5.87 16.63 -29.52
C TRP B 160 6.29 17.21 -30.87
N ASP B 161 6.52 16.31 -31.82
CA ASP B 161 6.65 16.64 -33.23
C ASP B 161 5.28 16.39 -33.84
N LEU B 162 4.54 17.47 -34.12
CA LEU B 162 3.18 17.33 -34.61
C LEU B 162 3.14 16.67 -35.99
N ALA B 163 4.18 16.87 -36.79
CA ALA B 163 4.20 16.28 -38.13
C ALA B 163 4.42 14.77 -38.07
N GLN B 164 5.42 14.32 -37.34
CA GLN B 164 5.66 12.89 -37.24
C GLN B 164 4.74 12.19 -36.23
N GLN B 165 3.91 12.95 -35.50
CA GLN B 165 2.94 12.38 -34.57
C GLN B 165 3.62 11.47 -33.54
N VAL B 166 4.72 11.97 -32.97
CA VAL B 166 5.53 11.18 -32.04
C VAL B 166 6.11 12.10 -30.97
N VAL B 167 6.36 11.52 -29.80
CA VAL B 167 7.00 12.24 -28.69
C VAL B 167 8.51 12.27 -28.94
N LEU B 168 9.08 13.48 -29.06
CA LEU B 168 10.52 13.62 -29.22
C LEU B 168 11.26 13.46 -27.90
N SER B 169 10.73 14.04 -26.84
CA SER B 169 11.40 14.03 -25.53
C SER B 169 10.37 13.92 -24.43
N SER B 170 10.74 13.25 -23.35
CA SER B 170 9.91 13.12 -22.17
C SER B 170 10.75 13.50 -20.96
N TYR B 171 10.30 14.49 -20.21
CA TYR B 171 11.08 15.09 -19.13
C TYR B 171 10.32 14.94 -17.82
N ARG B 172 11.00 14.39 -16.81
CA ARG B 172 10.42 14.27 -15.47
C ARG B 172 11.23 15.14 -14.52
N ALA B 173 11.09 16.45 -14.66
CA ALA B 173 11.79 17.37 -13.78
C ALA B 173 11.06 17.60 -12.47
N HIS B 174 9.73 17.72 -12.52
CA HIS B 174 8.96 18.06 -11.33
C HIS B 174 8.79 16.83 -10.45
N ALA B 175 8.24 17.07 -9.25
CA ALA B 175 7.93 16.02 -8.28
C ALA B 175 6.45 15.93 -7.97
N ALA B 176 5.61 16.65 -8.70
CA ALA B 176 4.17 16.65 -8.49
C ALA B 176 3.52 17.19 -9.77
N GLN B 177 2.19 17.23 -9.79
CA GLN B 177 1.50 17.49 -11.05
C GLN B 177 2.04 18.75 -11.71
N VAL B 178 1.94 18.78 -13.04
CA VAL B 178 2.41 19.92 -13.85
C VAL B 178 1.22 20.83 -14.16
N THR B 179 1.19 22.01 -13.54
CA THR B 179 0.00 22.84 -13.60
C THR B 179 -0.08 23.67 -14.88
N CYS B 180 1.06 23.94 -15.53
CA CYS B 180 1.06 24.89 -16.62
C CYS B 180 2.38 24.83 -17.39
N VAL B 181 2.27 24.79 -18.72
CA VAL B 181 3.41 24.93 -19.61
C VAL B 181 3.07 25.98 -20.66
N ALA B 182 4.06 26.79 -21.01
CA ALA B 182 3.85 27.94 -21.90
C ALA B 182 5.09 28.13 -22.76
N ALA B 183 4.94 27.96 -24.06
CA ALA B 183 6.06 28.12 -24.99
C ALA B 183 6.48 29.57 -25.10
N SER B 184 7.78 29.76 -25.33
CA SER B 184 8.31 31.08 -25.65
C SER B 184 7.58 31.64 -26.86
N PRO B 185 7.26 32.94 -26.84
CA PRO B 185 6.69 33.59 -28.04
C PRO B 185 7.58 33.49 -29.28
N HIS B 186 8.91 33.63 -29.16
CA HIS B 186 9.78 33.63 -30.32
C HIS B 186 11.03 32.74 -30.25
N LYS B 187 11.25 32.02 -29.16
CA LYS B 187 12.38 31.10 -29.03
C LYS B 187 11.83 29.68 -29.07
N ASP B 188 12.14 28.95 -30.15
CA ASP B 188 11.49 27.66 -30.39
C ASP B 188 11.94 26.57 -29.42
N SER B 189 12.98 26.83 -28.62
CA SER B 189 13.55 25.84 -27.72
C SER B 189 13.35 26.21 -26.27
N VAL B 190 12.61 27.29 -26.00
CA VAL B 190 12.42 27.82 -24.65
C VAL B 190 10.95 27.79 -24.28
N PHE B 191 10.66 27.41 -23.04
CA PHE B 191 9.30 27.42 -22.53
C PHE B 191 9.36 27.32 -21.00
N LEU B 192 8.31 27.82 -20.35
CA LEU B 192 8.18 27.76 -18.91
C LEU B 192 7.27 26.63 -18.49
N SER B 193 7.45 26.20 -17.23
CA SER B 193 6.55 25.24 -16.61
C SER B 193 6.48 25.54 -15.12
N CYS B 194 5.39 25.12 -14.49
CA CYS B 194 5.22 25.21 -13.05
C CYS B 194 4.36 24.06 -12.56
N SER B 195 4.47 23.77 -11.27
CA SER B 195 3.98 22.53 -10.71
C SER B 195 3.62 22.74 -9.26
N GLU B 196 2.85 21.78 -8.70
CA GLU B 196 2.60 21.84 -7.27
C GLU B 196 3.82 21.49 -6.43
N ASP B 197 4.97 21.19 -7.04
CA ASP B 197 6.17 21.05 -6.24
C ASP B 197 6.81 22.40 -5.93
N ASN B 198 6.11 23.47 -6.28
CA ASN B 198 6.52 24.84 -5.99
C ASN B 198 7.69 25.30 -6.86
N ARG B 199 7.99 24.56 -7.91
CA ARG B 199 9.05 24.93 -8.84
C ARG B 199 8.44 25.67 -10.03
N ILE B 200 9.09 26.77 -10.41
CA ILE B 200 8.94 27.35 -11.74
C ILE B 200 10.22 27.06 -12.49
N LEU B 201 10.11 26.37 -13.62
CA LEU B 201 11.27 25.94 -14.39
C LEU B 201 11.30 26.67 -15.73
N LEU B 202 12.47 27.25 -16.04
CA LEU B 202 12.76 27.79 -17.37
C LEU B 202 13.51 26.71 -18.16
N TRP B 203 13.00 26.39 -19.34
CA TRP B 203 13.53 25.34 -20.17
C TRP B 203 14.26 25.93 -21.38
N ASP B 204 15.34 25.25 -21.76
CA ASP B 204 16.05 25.53 -23.01
C ASP B 204 16.62 24.18 -23.45
N THR B 205 15.97 23.56 -24.44
CA THR B 205 16.37 22.24 -24.90
C THR B 205 17.78 22.24 -25.52
N ARG B 206 18.38 23.41 -25.74
CA ARG B 206 19.76 23.43 -26.22
C ARG B 206 20.79 23.11 -25.13
N CYS B 207 20.40 23.10 -23.86
CA CYS B 207 21.29 22.88 -22.72
C CYS B 207 21.26 21.43 -22.27
N PRO B 208 22.45 20.85 -22.02
CA PRO B 208 22.51 19.43 -21.60
C PRO B 208 21.53 19.08 -20.48
N LYS B 209 21.44 19.92 -19.45
CA LYS B 209 20.33 19.87 -18.50
C LYS B 209 19.39 21.00 -18.87
N PRO B 210 18.27 20.72 -19.53
CA PRO B 210 17.50 21.81 -20.17
C PRO B 210 16.63 22.60 -19.22
N ALA B 211 16.53 22.25 -17.94
CA ALA B 211 15.69 22.99 -17.03
C ALA B 211 16.52 23.80 -16.04
N SER B 212 15.97 24.94 -15.63
CA SER B 212 16.60 25.79 -14.62
C SER B 212 15.52 26.31 -13.68
N GLN B 213 15.80 26.25 -12.38
CA GLN B 213 14.83 26.67 -11.37
C GLN B 213 14.93 28.18 -11.13
N ILE B 214 13.78 28.85 -11.22
CA ILE B 214 13.67 30.30 -11.07
C ILE B 214 13.20 30.59 -9.65
N GLY B 215 14.13 31.00 -8.79
CA GLY B 215 13.79 31.29 -7.40
C GLY B 215 12.88 32.49 -7.22
N PRO B 219 9.85 29.33 -1.70
CA PRO B 219 9.22 29.57 -0.40
C PRO B 219 7.77 30.06 -0.50
N GLY B 220 7.41 30.67 -1.63
CA GLY B 220 6.07 31.23 -1.79
C GLY B 220 4.94 30.23 -1.87
N TYR B 221 3.80 30.66 -2.41
CA TYR B 221 2.65 29.80 -2.62
C TYR B 221 2.72 29.14 -3.99
N LEU B 222 1.98 28.05 -4.13
CA LEU B 222 2.12 27.20 -5.31
C LEU B 222 1.78 27.97 -6.58
N PRO B 223 2.64 27.91 -7.61
CA PRO B 223 2.35 28.62 -8.86
C PRO B 223 1.31 27.87 -9.70
N THR B 224 0.36 28.64 -10.25
CA THR B 224 -0.76 28.04 -10.94
C THR B 224 -0.93 28.48 -12.39
N SER B 225 -0.24 29.52 -12.85
CA SER B 225 -0.47 30.04 -14.18
C SER B 225 0.74 30.86 -14.63
N LEU B 226 0.94 30.95 -15.95
CA LEU B 226 2.14 31.57 -16.52
C LEU B 226 1.81 32.28 -17.82
N ALA B 227 2.49 33.42 -18.05
CA ALA B 227 2.30 34.17 -19.29
C ALA B 227 3.59 34.91 -19.66
N TRP B 228 4.18 34.56 -20.81
CA TRP B 228 5.29 35.37 -21.31
C TRP B 228 4.80 36.77 -21.68
N HIS B 229 5.68 37.74 -21.49
CA HIS B 229 5.44 39.05 -22.05
C HIS B 229 5.58 38.96 -23.56
N PRO B 230 4.69 39.60 -24.32
CA PRO B 230 4.76 39.47 -25.78
C PRO B 230 5.88 40.28 -26.40
N GLN B 231 6.22 41.42 -25.80
CA GLN B 231 7.22 42.34 -26.37
C GLN B 231 8.53 42.33 -25.59
N GLN B 232 8.70 41.47 -24.60
CA GLN B 232 9.93 41.47 -23.81
C GLN B 232 10.42 40.04 -23.62
N SER B 233 11.62 39.77 -24.15
CA SER B 233 12.13 38.41 -24.22
C SER B 233 12.13 37.71 -22.87
N GLU B 234 12.79 38.32 -21.88
CA GLU B 234 13.12 37.65 -20.63
C GLU B 234 12.16 38.00 -19.48
N VAL B 235 10.94 38.39 -19.81
CA VAL B 235 9.95 38.83 -18.83
C VAL B 235 8.73 37.91 -18.91
N PHE B 236 8.23 37.49 -17.74
CA PHE B 236 7.00 36.73 -17.68
C PHE B 236 6.27 37.04 -16.37
N VAL B 237 5.01 36.63 -16.32
CA VAL B 237 4.16 36.77 -15.14
C VAL B 237 3.63 35.40 -14.76
N PHE B 238 3.43 35.18 -13.45
CA PHE B 238 2.81 33.94 -13.00
C PHE B 238 1.86 34.21 -11.83
N GLY B 239 0.80 33.39 -11.74
CA GLY B 239 -0.16 33.51 -10.66
C GLY B 239 0.00 32.38 -9.65
N ASP B 240 -0.43 32.62 -8.41
CA ASP B 240 -0.29 31.58 -7.39
C ASP B 240 -1.65 31.16 -6.85
N GLU B 241 -1.67 30.08 -6.06
CA GLU B 241 -2.91 29.53 -5.52
C GLU B 241 -3.57 30.46 -4.50
N ASN B 242 -2.91 31.54 -4.12
CA ASN B 242 -3.39 32.45 -3.09
C ASN B 242 -3.93 33.76 -3.66
N GLY B 243 -3.98 33.88 -4.99
CA GLY B 243 -4.55 35.04 -5.64
C GLY B 243 -3.57 36.10 -6.07
N THR B 244 -2.27 35.82 -5.99
CA THR B 244 -1.25 36.81 -6.29
C THR B 244 -0.76 36.68 -7.73
N VAL B 245 -0.55 37.84 -8.37
CA VAL B 245 0.02 37.93 -9.70
C VAL B 245 1.39 38.58 -9.57
N SER B 246 2.39 38.01 -10.24
CA SER B 246 3.76 38.46 -10.07
C SER B 246 4.44 38.66 -11.42
N LEU B 247 5.27 39.71 -11.50
CA LEU B 247 6.03 40.06 -12.68
C LEU B 247 7.49 39.72 -12.44
N VAL B 248 8.07 38.91 -13.32
CA VAL B 248 9.40 38.36 -13.11
C VAL B 248 10.27 38.66 -14.31
N ASP B 249 11.54 38.94 -14.05
CA ASP B 249 12.59 39.05 -15.06
C ASP B 249 13.55 37.88 -14.88
N THR B 250 14.21 37.48 -15.96
CA THR B 250 15.13 36.35 -15.88
C THR B 250 16.14 36.53 -14.75
N LYS B 251 16.69 37.74 -14.60
CA LYS B 251 17.61 38.03 -13.51
C LYS B 251 17.40 39.47 -13.03
N SER B 252 17.39 39.65 -11.71
CA SER B 252 17.24 40.98 -11.11
C SER B 252 18.29 41.95 -11.64
N VAL B 256 11.23 42.41 -7.82
CA VAL B 256 10.07 41.62 -8.23
C VAL B 256 8.78 42.34 -7.82
N LEU B 257 7.88 42.49 -8.78
CA LEU B 257 6.62 43.21 -8.57
C LEU B 257 5.46 42.23 -8.51
N SER B 258 4.54 42.45 -7.58
CA SER B 258 3.40 41.55 -7.42
C SER B 258 2.22 42.33 -6.82
N SER B 259 1.04 41.72 -6.94
CA SER B 259 -0.18 42.32 -6.43
C SER B 259 -1.20 41.23 -6.11
N ALA B 260 -1.89 41.41 -4.98
CA ALA B 260 -3.03 40.57 -4.62
C ALA B 260 -4.21 40.97 -5.49
N VAL B 261 -4.48 40.18 -6.54
CA VAL B 261 -5.48 40.55 -7.54
C VAL B 261 -6.79 39.78 -7.32
N HIS B 262 -6.67 38.61 -6.69
CA HIS B 262 -7.76 37.66 -6.56
C HIS B 262 -7.73 37.05 -5.16
N SER B 263 -8.92 36.62 -4.68
CA SER B 263 -9.08 35.96 -3.39
C SER B 263 -8.98 34.45 -3.48
N GLN B 264 -8.76 33.92 -4.68
CA GLN B 264 -8.53 32.49 -4.84
C GLN B 264 -7.51 32.26 -5.94
N CYS B 265 -7.29 31.00 -6.26
CA CYS B 265 -6.40 30.57 -7.32
C CYS B 265 -6.51 31.46 -8.55
N VAL B 266 -5.34 31.74 -9.15
CA VAL B 266 -5.24 32.46 -10.43
C VAL B 266 -5.10 31.42 -11.53
N THR B 267 -6.17 31.21 -12.28
CA THR B 267 -6.28 30.13 -13.25
C THR B 267 -5.55 30.45 -14.56
N GLY B 268 -5.30 31.71 -14.86
CA GLY B 268 -4.78 32.06 -16.17
C GLY B 268 -4.44 33.52 -16.33
N LEU B 269 -3.48 33.77 -17.22
CA LEU B 269 -2.97 35.12 -17.46
C LEU B 269 -2.75 35.29 -18.95
N VAL B 270 -3.39 36.32 -19.53
CA VAL B 270 -3.40 36.52 -20.97
C VAL B 270 -3.17 37.99 -21.26
N PHE B 271 -2.02 38.31 -21.85
CA PHE B 271 -1.71 39.66 -22.28
C PHE B 271 -2.54 40.05 -23.50
N SER B 272 -2.90 41.32 -23.55
CA SER B 272 -3.65 41.87 -24.67
C SER B 272 -2.75 42.04 -25.88
N PRO B 273 -3.34 42.31 -27.04
CA PRO B 273 -2.53 42.47 -28.26
C PRO B 273 -2.19 43.93 -28.57
N HIS B 274 -2.27 44.80 -27.58
CA HIS B 274 -1.92 46.20 -27.75
C HIS B 274 -0.39 46.36 -27.78
N SER B 275 0.05 47.50 -28.32
CA SER B 275 1.48 47.82 -28.32
C SER B 275 2.04 47.78 -26.91
N VAL B 276 1.46 48.58 -26.01
CA VAL B 276 1.66 48.39 -24.57
C VAL B 276 0.54 47.48 -24.06
N PRO B 277 0.83 46.21 -23.80
CA PRO B 277 -0.24 45.24 -23.53
C PRO B 277 -0.84 45.37 -22.14
N PHE B 278 -2.12 45.02 -22.05
CA PHE B 278 -2.79 44.81 -20.78
C PHE B 278 -2.70 43.35 -20.39
N LEU B 279 -2.99 43.08 -19.12
CA LEU B 279 -2.90 41.74 -18.55
C LEU B 279 -4.26 41.36 -18.01
N ALA B 280 -4.89 40.37 -18.62
CA ALA B 280 -6.13 39.77 -18.10
C ALA B 280 -5.80 38.60 -17.19
N SER B 281 -6.42 38.58 -16.01
CA SER B 281 -6.23 37.49 -15.06
C SER B 281 -7.57 36.85 -14.71
N LEU B 282 -7.58 35.53 -14.54
CA LEU B 282 -8.77 34.74 -14.23
C LEU B 282 -8.62 34.07 -12.87
N SER B 283 -9.75 33.74 -12.25
CA SER B 283 -9.65 33.12 -10.93
C SER B 283 -10.87 32.25 -10.60
N GLU B 284 -10.62 31.25 -9.76
CA GLU B 284 -11.72 30.52 -9.16
C GLU B 284 -12.60 31.42 -8.29
N ASP B 285 -12.28 32.70 -8.13
CA ASP B 285 -13.17 33.61 -7.43
C ASP B 285 -14.26 34.17 -8.33
N CYS B 286 -14.36 33.64 -9.56
CA CYS B 286 -15.40 33.99 -10.52
C CYS B 286 -15.30 35.43 -11.00
N SER B 287 -14.12 36.05 -10.88
CA SER B 287 -13.92 37.42 -11.37
C SER B 287 -12.84 37.45 -12.43
N LEU B 288 -12.98 38.40 -13.35
CA LEU B 288 -11.97 38.76 -14.33
C LEU B 288 -11.37 40.11 -13.97
N ALA B 289 -10.05 40.20 -14.06
CA ALA B 289 -9.34 41.45 -13.79
C ALA B 289 -8.45 41.81 -14.97
N VAL B 290 -8.33 43.10 -15.28
CA VAL B 290 -7.42 43.59 -16.31
C VAL B 290 -6.43 44.55 -15.66
N LEU B 291 -5.14 44.24 -15.79
CA LEU B 291 -4.08 44.97 -15.10
C LEU B 291 -3.15 45.64 -16.10
N ASP B 292 -2.49 46.69 -15.64
CA ASP B 292 -1.64 47.44 -16.54
C ASP B 292 -0.18 46.98 -16.40
N SER B 293 0.75 47.81 -16.89
CA SER B 293 2.17 47.48 -16.85
C SER B 293 2.63 47.22 -15.42
N SER B 294 2.22 48.07 -14.48
CA SER B 294 2.64 47.96 -13.08
C SER B 294 1.71 47.06 -12.26
N LEU B 295 0.92 46.21 -12.91
CA LEU B 295 0.01 45.28 -12.26
C LEU B 295 -1.11 45.98 -11.50
N SER B 296 -1.44 47.22 -11.88
CA SER B 296 -2.57 47.92 -11.29
C SER B 296 -3.84 47.60 -12.04
N GLU B 297 -4.96 47.64 -11.32
CA GLU B 297 -6.24 47.16 -11.84
C GLU B 297 -6.96 48.28 -12.57
N LEU B 298 -7.32 48.01 -13.83
CA LEU B 298 -8.04 48.95 -14.68
C LEU B 298 -9.47 48.52 -14.97
N PHE B 299 -9.78 47.24 -14.78
CA PHE B 299 -11.11 46.70 -15.07
C PHE B 299 -11.36 45.51 -14.17
N ARG B 300 -12.63 45.24 -13.92
CA ARG B 300 -13.05 44.13 -13.06
C ARG B 300 -14.45 43.71 -13.48
N SER B 301 -14.63 42.42 -13.72
CA SER B 301 -15.92 41.90 -14.13
C SER B 301 -16.33 40.77 -13.20
N GLN B 302 -17.57 40.84 -12.71
CA GLN B 302 -18.14 39.76 -11.92
C GLN B 302 -19.30 39.07 -12.65
N ALA B 303 -19.32 39.18 -13.98
CA ALA B 303 -20.43 38.62 -14.75
C ALA B 303 -20.60 37.12 -14.54
N HIS B 304 -19.51 36.40 -14.30
CA HIS B 304 -19.61 34.96 -14.14
C HIS B 304 -20.12 34.57 -12.76
N ARG B 305 -20.86 33.47 -12.72
CA ARG B 305 -21.38 32.91 -11.48
C ARG B 305 -20.69 31.60 -11.11
N ASP B 306 -19.66 31.20 -11.85
CA ASP B 306 -18.84 30.05 -11.55
C ASP B 306 -17.41 30.37 -11.98
N PHE B 307 -16.52 29.37 -11.87
CA PHE B 307 -15.11 29.60 -12.17
C PHE B 307 -14.94 30.18 -13.58
N VAL B 308 -14.01 31.13 -13.70
CA VAL B 308 -13.60 31.67 -15.00
C VAL B 308 -12.41 30.85 -15.50
N ARG B 309 -12.56 30.25 -16.69
CA ARG B 309 -11.60 29.28 -17.17
C ARG B 309 -10.65 29.83 -18.24
N ASP B 310 -11.14 30.60 -19.20
CA ASP B 310 -10.24 31.14 -20.21
C ASP B 310 -10.65 32.56 -20.61
N ALA B 311 -9.71 33.26 -21.22
CA ALA B 311 -9.92 34.60 -21.76
C ALA B 311 -9.10 34.77 -23.03
N THR B 312 -9.70 35.38 -24.05
CA THR B 312 -9.07 35.56 -25.35
C THR B 312 -9.44 36.92 -25.91
N TRP B 313 -8.43 37.68 -26.33
CA TRP B 313 -8.61 39.01 -26.88
C TRP B 313 -8.95 38.95 -28.36
N SER B 314 -9.91 39.76 -28.77
CA SER B 314 -10.29 39.80 -30.18
C SER B 314 -9.13 40.33 -31.02
N PRO B 315 -8.78 39.67 -32.12
CA PRO B 315 -7.81 40.26 -33.06
C PRO B 315 -8.35 41.45 -33.81
N LEU B 316 -9.67 41.57 -33.95
CA LEU B 316 -10.28 42.65 -34.72
C LEU B 316 -10.51 43.90 -33.88
N ASN B 317 -11.15 43.74 -32.73
CA ASN B 317 -11.38 44.83 -31.78
C ASN B 317 -10.51 44.56 -30.56
N HIS B 318 -9.39 45.29 -30.49
CA HIS B 318 -8.43 45.05 -29.42
C HIS B 318 -8.97 45.39 -28.03
N SER B 319 -10.07 46.14 -27.96
CA SER B 319 -10.65 46.47 -26.66
C SER B 319 -11.65 45.43 -26.16
N LEU B 320 -12.07 44.51 -27.02
CA LEU B 320 -13.03 43.49 -26.62
C LEU B 320 -12.28 42.26 -26.11
N LEU B 321 -12.80 41.69 -25.02
CA LEU B 321 -12.17 40.58 -24.32
C LEU B 321 -13.24 39.56 -23.98
N THR B 322 -13.06 38.33 -24.47
CA THR B 322 -14.05 37.27 -24.31
C THR B 322 -13.62 36.31 -23.22
N THR B 323 -14.57 35.94 -22.35
CA THR B 323 -14.32 35.01 -21.25
C THR B 323 -15.39 33.92 -21.23
N VAL B 324 -15.00 32.75 -20.73
CA VAL B 324 -15.89 31.61 -20.59
C VAL B 324 -15.64 30.94 -19.24
N GLY B 325 -16.68 30.28 -18.72
CA GLY B 325 -16.62 29.71 -17.40
C GLY B 325 -17.53 28.52 -17.25
N TRP B 326 -17.50 27.94 -16.06
CA TRP B 326 -18.31 26.76 -15.83
C TRP B 326 -19.79 27.07 -15.64
N ASP B 327 -20.16 28.35 -15.61
CA ASP B 327 -21.57 28.74 -15.66
C ASP B 327 -22.13 28.71 -17.08
N HIS B 328 -21.35 28.20 -18.03
CA HIS B 328 -21.75 28.05 -19.42
C HIS B 328 -21.95 29.39 -20.13
N GLN B 329 -21.47 30.48 -19.54
CA GLN B 329 -21.56 31.81 -20.16
C GLN B 329 -20.35 32.08 -21.05
N VAL B 330 -20.62 32.78 -22.16
CA VAL B 330 -19.60 33.39 -23.00
C VAL B 330 -19.85 34.90 -22.92
N VAL B 331 -18.96 35.63 -22.22
CA VAL B 331 -19.11 37.06 -22.00
C VAL B 331 -18.13 37.82 -22.90
N HIS B 332 -18.59 38.95 -23.43
CA HIS B 332 -17.82 39.86 -24.28
C HIS B 332 -17.66 41.18 -23.56
N HIS B 333 -16.56 41.36 -22.85
CA HIS B 333 -16.29 42.59 -22.11
C HIS B 333 -15.66 43.62 -23.03
N VAL B 334 -16.10 44.87 -22.92
CA VAL B 334 -15.41 46.00 -23.54
C VAL B 334 -14.46 46.56 -22.49
N VAL B 335 -13.17 46.46 -22.75
CA VAL B 335 -12.13 46.85 -21.81
C VAL B 335 -11.79 48.32 -22.09
N PRO B 336 -11.97 49.22 -21.13
CA PRO B 336 -11.65 50.63 -21.37
C PRO B 336 -10.16 50.87 -21.51
N THR B 337 -9.70 51.26 -22.70
CA THR B 337 -8.29 51.53 -22.94
C THR B 337 -7.91 52.98 -22.60
N1 97L C . 2.84 -32.40 19.89
N12 97L C . 2.68 -31.37 23.87
C13 97L C . 1.68 -29.95 20.47
C15 97L C . 1.34 -29.49 18.12
C17 97L C . 2.16 -30.86 21.50
N 97L C . 2.71 -32.01 21.22
C 97L C . -0.03 -26.55 20.12
O 97L C . 2.60 -32.12 17.69
C1 97L C . 0.63 -27.82 19.77
S 97L C . -3.43 -26.87 18.21
C12 97L C . 1.09 -28.69 20.78
C14 97L C . 1.81 -30.35 19.13
C16 97L C . 0.76 -28.27 18.44
C18 97L C . 2.42 -31.64 18.83
C19 97L C . 2.02 -30.42 22.97
C1A 97L C . 0.19 -25.72 21.24
C1B 97L C . -1.08 -25.93 19.44
C1C 97L C . -2.40 -23.86 19.80
C1D 97L C . -1.81 -26.20 18.22
C1E 97L C . -1.41 -25.95 16.93
C1F 97L C . -2.37 -26.29 15.95
C1G 97L C . -3.53 -26.80 16.49
C1H 97L C . -2.28 -26.19 14.54
C1I 97L C . -3.33 -26.57 13.74
C1K 97L C . -4.61 -27.20 15.69
C1L 97L C . -4.50 -27.08 14.32
C1M 97L C . -0.13 -25.41 16.59
N13 97L C . -0.62 -24.68 21.27
N14 97L C . -1.38 -24.82 20.15
N15 97L C . 0.89 -24.99 16.30
H123 97L C . 3.28 -33.27 19.67
H21 97L C . 2.64 -31.03 24.81
H3 97L C . 3.64 -31.47 23.60
H1 97L C . 1.41 -29.79 17.08
H 97L C . 1.01 -28.40 21.82
H12 97L C . 0.40 -27.64 17.63
H11 97L C . 0.97 -30.36 23.23
H2 97L C . 2.48 -29.44 23.10
H124 97L C . 0.92 -25.90 22.03
H113 97L C . -2.68 -23.27 20.67
H212 97L C . -3.28 -24.39 19.44
H31 97L C . -2.05 -23.20 19.02
H125 97L C . -1.37 -25.79 14.10
H126 97L C . -3.25 -26.50 12.66
H128 97L C . -5.49 -27.61 16.15
H127 97L C . -5.33 -27.36 13.69
H112 97L C . 2.23 -32.26 23.81
CS MTA D . 0.67 -34.92 23.35
S5' MTA D . 0.36 -33.52 24.41
C5' MTA D . 0.83 -34.19 26.01
C4' MTA D . 0.06 -35.40 26.52
O4' MTA D . 0.54 -35.72 27.85
C2' MTA D . -1.64 -34.94 28.16
O2' MTA D . -2.95 -35.25 28.62
C3' MTA D . -1.46 -35.20 26.66
O3' MTA D . -2.18 -36.37 26.27
C1' MTA D . -0.53 -35.79 28.76
N9 MTA D . -0.02 -35.30 30.04
C8 MTA D . 0.46 -34.04 30.31
N7 MTA D . 0.84 -33.88 31.55
C5 MTA D . 0.63 -35.12 32.15
C6 MTA D . 0.87 -35.59 33.45
N6 MTA D . 1.39 -34.85 34.43
N1 MTA D . 0.55 -36.88 33.70
C2 MTA D . 0.04 -37.62 32.71
N3 MTA D . -0.22 -37.28 31.45
C4 MTA D . 0.09 -36.00 31.23
#